data_8ZTI
#
_entry.id   8ZTI
#
_cell.length_a   1.00
_cell.length_b   1.00
_cell.length_c   1.00
_cell.angle_alpha   90.00
_cell.angle_beta   90.00
_cell.angle_gamma   90.00
#
_symmetry.space_group_name_H-M   'P 1'
#
loop_
_entity.id
_entity.type
_entity.pdbx_description
1 polymer 'Aluminum-activated malate transporter 9'
2 non-polymer D-MALATE
3 non-polymer 'PALMITIC ACID'
4 non-polymer DECANE
5 non-polymer 'STEARIC ACID'
6 water water
#
_entity_poly.entity_id   1
_entity_poly.type   'polypeptide(L)'
_entity_poly.pdbx_seq_one_letter_code
;MAAKQGSFRHGILEKRERLLSNNGFSDFRFTDIESNDLLENENCGRRTRLCCCCSCGNLSEKISGVYDDAKDVARKAWEM
GVSDPRKIVFSAKIGLALTIVALLIFYQEPNPDLSRYSVWAILTVVVVFEFTIGATLSKGFNRALGTLSAGGLALGMAEL
STLFGDWEEIFCTLSIFCIGFLATFMKLYPSMKAYEYGFRVFLLTYCYILISGFRTGQFIEVAISRFLLIALGAGVSLGV
NMFIYPIWAGEDLHNLVVKNFMNVATSLEGCVNGYLRCLEYERIPSKILTYQASEDPVYKGYRSAVESTSQEESLMSFAI
WEPPHGPYKSFNYPWKNYVKLSGALKHCAFTVMALHGCILSEIQAPEERRQVFRQELQRVGVEGAKLLRELGEKVKKMEK
LGPVDLLFEVHLAAEELQHKIDKKSYLLVNSECWEIGNRATKESEPQELLSLEDSDPPENHAPPIYAFKSLSEAVLEIPP
SWGEKNHREALNHRPTFSKQVSWPARLVLPPHLETTNGASPLVETTKTYESASALSLATFASLLIEFVARLQNVVDAFKE
LSQKANFKEPEIVTTGTDVEFSGERVGLGQKIRRCFGM
;
_entity_poly.pdbx_strand_id   A,B
#
# COMPACT_ATOMS: atom_id res chain seq x y z
N ALA A 77 7.31 -1.31 23.65
CA ALA A 77 7.10 -0.61 24.90
C ALA A 77 8.01 0.61 25.04
N TRP A 78 9.09 0.45 25.81
CA TRP A 78 10.06 1.54 25.97
C TRP A 78 10.78 1.88 24.68
N GLU A 79 10.87 0.95 23.72
CA GLU A 79 11.57 1.23 22.48
C GLU A 79 11.03 2.49 21.80
N MET A 80 9.71 2.54 21.60
CA MET A 80 9.13 3.71 20.94
C MET A 80 8.57 4.70 21.94
N GLY A 81 8.29 4.26 23.17
CA GLY A 81 7.92 5.19 24.22
C GLY A 81 9.05 6.14 24.55
N VAL A 82 10.28 5.75 24.23
CA VAL A 82 11.44 6.61 24.44
C VAL A 82 12.07 7.06 23.13
N SER A 83 11.90 6.31 22.04
CA SER A 83 12.45 6.69 20.74
C SER A 83 11.49 7.52 19.91
N ASP A 84 10.25 7.70 20.38
CA ASP A 84 9.25 8.52 19.69
C ASP A 84 8.18 8.98 20.67
N PRO A 85 8.42 10.03 21.43
CA PRO A 85 7.40 10.54 22.37
C PRO A 85 6.16 11.12 21.70
N ARG A 86 6.09 11.16 20.36
CA ARG A 86 4.90 11.65 19.70
C ARG A 86 3.69 10.76 19.98
N LYS A 87 3.92 9.45 20.06
CA LYS A 87 2.80 8.53 20.27
C LYS A 87 2.27 8.61 21.70
N ILE A 88 3.16 8.83 22.67
CA ILE A 88 2.69 8.98 24.05
C ILE A 88 1.85 10.23 24.17
N VAL A 89 2.19 11.29 23.43
CA VAL A 89 1.41 12.52 23.48
C VAL A 89 0.07 12.31 22.80
N PHE A 90 0.06 11.63 21.66
CA PHE A 90 -1.20 11.33 20.99
C PHE A 90 -2.14 10.56 21.91
N SER A 91 -1.62 9.51 22.54
CA SER A 91 -2.45 8.68 23.40
C SER A 91 -2.92 9.46 24.63
N ALA A 92 -2.05 10.29 25.21
CA ALA A 92 -2.48 11.09 26.35
C ALA A 92 -3.55 12.09 25.96
N LYS A 93 -3.49 12.62 24.73
CA LYS A 93 -4.51 13.56 24.30
C LYS A 93 -5.85 12.86 24.07
N ILE A 94 -5.81 11.63 23.56
CA ILE A 94 -7.05 10.89 23.39
C ILE A 94 -7.63 10.52 24.75
N GLY A 95 -6.77 10.22 25.72
CA GLY A 95 -7.26 9.94 27.06
C GLY A 95 -7.86 11.16 27.72
N LEU A 96 -7.23 12.32 27.56
CA LEU A 96 -7.78 13.54 28.13
C LEU A 96 -9.11 13.91 27.48
N ALA A 97 -9.24 13.68 26.18
CA ALA A 97 -10.51 13.96 25.52
C ALA A 97 -11.62 13.03 26.03
N LEU A 98 -11.31 11.74 26.16
CA LEU A 98 -12.31 10.81 26.68
C LEU A 98 -12.69 11.16 28.11
N THR A 99 -11.71 11.55 28.93
CA THR A 99 -12.01 11.91 30.31
C THR A 99 -12.86 13.16 30.39
N ILE A 100 -12.61 14.12 29.50
CA ILE A 100 -13.43 15.34 29.50
C ILE A 100 -14.86 15.02 29.12
N VAL A 101 -15.04 14.21 28.07
CA VAL A 101 -16.40 13.85 27.66
C VAL A 101 -17.11 13.10 28.78
N ALA A 102 -16.41 12.19 29.44
CA ALA A 102 -17.03 11.39 30.50
C ALA A 102 -17.44 12.28 31.67
N LEU A 103 -16.56 13.17 32.11
CA LEU A 103 -16.92 14.07 33.21
C LEU A 103 -18.07 15.00 32.84
N LEU A 104 -18.12 15.44 31.57
CA LEU A 104 -19.21 16.30 31.14
C LEU A 104 -20.54 15.55 31.06
N ILE A 105 -20.48 14.25 30.79
CA ILE A 105 -21.72 13.46 30.76
C ILE A 105 -22.19 13.12 32.17
N PHE A 106 -21.27 12.73 33.05
CA PHE A 106 -21.66 12.24 34.37
C PHE A 106 -21.98 13.36 35.36
N TYR A 107 -21.19 14.43 35.39
CA TYR A 107 -21.37 15.47 36.41
C TYR A 107 -22.27 16.62 35.98
N GLN A 108 -21.97 17.27 34.86
CA GLN A 108 -22.75 18.43 34.44
C GLN A 108 -24.23 18.09 34.29
N GLU A 109 -24.56 17.07 33.50
CA GLU A 109 -25.95 16.73 33.26
C GLU A 109 -26.70 16.58 34.59
N PRO A 110 -27.71 17.41 34.85
CA PRO A 110 -28.40 17.33 36.16
C PRO A 110 -29.14 16.02 36.40
N ASN A 111 -29.91 15.54 35.42
CA ASN A 111 -30.71 14.34 35.64
C ASN A 111 -30.68 13.45 34.39
N PRO A 112 -31.10 12.18 34.50
CA PRO A 112 -31.04 11.26 33.33
C PRO A 112 -32.14 11.52 32.31
N ASP A 113 -32.03 12.66 31.62
CA ASP A 113 -32.99 13.01 30.57
C ASP A 113 -32.54 12.53 29.21
N LEU A 114 -31.23 12.37 29.02
CA LEU A 114 -30.65 11.91 27.77
C LEU A 114 -29.67 10.77 28.01
N SER A 115 -29.79 10.08 29.15
CA SER A 115 -28.90 9.01 29.56
C SER A 115 -28.49 8.10 28.41
N ARG A 116 -29.41 7.84 27.48
CA ARG A 116 -29.12 6.93 26.37
C ARG A 116 -28.64 7.67 25.13
N TYR A 117 -28.92 8.98 25.04
CA TYR A 117 -28.44 9.80 23.94
C TYR A 117 -27.12 10.48 24.28
N SER A 118 -26.56 10.23 25.46
CA SER A 118 -25.31 10.81 25.89
C SER A 118 -24.11 9.92 25.60
N VAL A 119 -24.23 8.99 24.66
CA VAL A 119 -23.11 8.18 24.22
C VAL A 119 -22.66 8.52 22.81
N TRP A 120 -23.53 9.11 21.98
CA TRP A 120 -23.12 9.51 20.64
C TRP A 120 -22.03 10.56 20.70
N ALA A 121 -21.89 11.25 21.83
CA ALA A 121 -20.84 12.25 22.00
C ALA A 121 -19.55 11.65 22.55
N ILE A 122 -19.62 10.49 23.19
CA ILE A 122 -18.42 9.79 23.66
C ILE A 122 -18.03 8.66 22.71
N LEU A 123 -18.72 8.54 21.57
CA LEU A 123 -18.35 7.58 20.55
C LEU A 123 -17.90 8.24 19.26
N THR A 124 -18.00 9.57 19.17
CA THR A 124 -17.50 10.29 18.00
C THR A 124 -16.02 10.60 18.13
N VAL A 125 -15.54 10.87 19.35
CA VAL A 125 -14.13 11.16 19.57
C VAL A 125 -13.27 10.00 19.10
N VAL A 126 -13.73 8.77 19.34
CA VAL A 126 -12.95 7.58 18.95
C VAL A 126 -12.89 7.40 17.45
N VAL A 127 -13.75 8.09 16.69
CA VAL A 127 -13.79 7.95 15.25
C VAL A 127 -13.46 9.26 14.52
N VAL A 128 -13.06 10.30 15.26
CA VAL A 128 -12.67 11.57 14.63
C VAL A 128 -11.27 12.00 15.00
N PHE A 129 -10.56 11.24 15.84
CA PHE A 129 -9.23 11.63 16.29
C PHE A 129 -8.19 10.98 15.37
N GLU A 130 -7.51 11.81 14.58
CA GLU A 130 -6.47 11.37 13.67
C GLU A 130 -5.11 11.93 14.12
N PHE A 131 -4.06 11.50 13.41
CA PHE A 131 -2.70 11.88 13.79
C PHE A 131 -2.38 13.32 13.41
N THR A 132 -2.83 13.78 12.24
CA THR A 132 -2.51 15.11 11.75
C THR A 132 -3.74 16.01 11.79
N ILE A 133 -3.49 17.32 11.70
CA ILE A 133 -4.58 18.29 11.77
C ILE A 133 -5.35 18.42 10.45
N GLY A 134 -4.77 18.03 9.33
CA GLY A 134 -5.49 18.14 8.07
C GLY A 134 -6.33 16.93 7.75
N ALA A 135 -5.91 15.77 8.27
CA ALA A 135 -6.70 14.56 8.07
C ALA A 135 -8.00 14.63 8.86
N THR A 136 -7.95 15.19 10.06
CA THR A 136 -9.15 15.36 10.85
C THR A 136 -10.14 16.25 10.12
N LEU A 137 -9.66 17.38 9.57
CA LEU A 137 -10.54 18.32 8.89
C LEU A 137 -11.14 17.70 7.64
N SER A 138 -10.34 17.00 6.84
CA SER A 138 -10.85 16.45 5.59
C SER A 138 -11.84 15.32 5.86
N LYS A 139 -11.48 14.38 6.73
CA LYS A 139 -12.40 13.29 7.03
C LYS A 139 -13.64 13.79 7.76
N GLY A 140 -13.54 14.90 8.49
CA GLY A 140 -14.74 15.47 9.10
C GLY A 140 -15.65 16.10 8.08
N PHE A 141 -15.08 16.78 7.08
CA PHE A 141 -15.90 17.31 5.99
C PHE A 141 -16.62 16.18 5.27
N ASN A 142 -15.90 15.10 4.97
CA ASN A 142 -16.52 13.98 4.26
C ASN A 142 -17.61 13.32 5.10
N ARG A 143 -17.32 13.07 6.38
CA ARG A 143 -18.30 12.43 7.24
C ARG A 143 -19.45 13.36 7.60
N ALA A 144 -19.30 14.67 7.41
CA ALA A 144 -20.39 15.59 7.67
C ALA A 144 -21.18 15.93 6.41
N LEU A 145 -20.70 15.49 5.26
CA LEU A 145 -21.57 15.50 4.09
C LEU A 145 -22.29 14.16 3.94
N GLY A 146 -21.65 13.08 4.40
CA GLY A 146 -22.28 11.77 4.41
C GLY A 146 -23.18 11.49 5.59
N THR A 147 -23.13 12.33 6.63
CA THR A 147 -24.04 12.21 7.75
C THR A 147 -25.23 13.16 7.59
N LEU A 148 -25.27 13.91 6.48
CA LEU A 148 -26.38 14.80 6.17
C LEU A 148 -27.10 14.44 4.88
N SER A 149 -26.41 13.88 3.89
CA SER A 149 -27.13 13.41 2.71
C SER A 149 -28.09 12.26 3.06
N ALA A 150 -27.63 11.31 3.87
CA ALA A 150 -28.50 10.23 4.31
C ALA A 150 -29.69 10.77 5.10
N GLY A 151 -29.45 11.73 5.98
CA GLY A 151 -30.55 12.31 6.74
C GLY A 151 -31.58 12.97 5.83
N GLY A 152 -31.11 13.74 4.85
CA GLY A 152 -32.03 14.36 3.91
C GLY A 152 -32.84 13.32 3.13
N LEU A 153 -32.18 12.25 2.69
CA LEU A 153 -32.89 11.20 1.97
C LEU A 153 -33.97 10.57 2.84
N ALA A 154 -33.61 10.17 4.06
CA ALA A 154 -34.57 9.53 4.95
C ALA A 154 -35.75 10.45 5.24
N LEU A 155 -35.47 11.73 5.53
CA LEU A 155 -36.56 12.66 5.81
C LEU A 155 -37.40 12.98 4.58
N GLY A 156 -36.84 12.83 3.38
CA GLY A 156 -37.63 13.06 2.18
C GLY A 156 -38.37 11.85 1.69
N MET A 157 -38.05 10.67 2.22
CA MET A 157 -38.81 9.47 1.91
C MET A 157 -39.83 9.10 2.98
N ALA A 158 -39.61 9.53 4.24
CA ALA A 158 -40.60 9.28 5.28
C ALA A 158 -41.83 10.16 5.13
N GLU A 159 -41.75 11.24 4.33
CA GLU A 159 -42.90 12.06 4.03
C GLU A 159 -43.52 11.71 2.68
N LEU A 160 -42.96 10.72 1.99
CA LEU A 160 -43.51 10.21 0.72
C LEU A 160 -44.11 8.83 0.85
N SER A 161 -43.60 8.00 1.75
CA SER A 161 -44.17 6.67 1.95
C SER A 161 -45.63 6.76 2.36
N THR A 162 -46.01 7.81 3.11
CA THR A 162 -47.38 7.95 3.59
C THR A 162 -48.40 7.87 2.46
N LEU A 163 -48.04 8.32 1.26
CA LEU A 163 -48.98 8.28 0.15
C LEU A 163 -49.51 6.86 -0.08
N PHE A 164 -48.64 5.86 -0.01
CA PHE A 164 -49.06 4.47 -0.10
C PHE A 164 -49.58 4.04 1.26
N GLY A 165 -50.87 4.28 1.49
CA GLY A 165 -51.45 3.98 2.78
C GLY A 165 -51.35 2.51 3.15
N ASP A 166 -51.72 1.64 2.21
CA ASP A 166 -51.67 0.20 2.47
C ASP A 166 -50.24 -0.31 2.51
N TRP A 167 -49.52 -0.17 1.40
CA TRP A 167 -48.14 -0.65 1.30
C TRP A 167 -47.20 0.41 1.86
N GLU A 168 -47.03 0.38 3.18
CA GLU A 168 -46.11 1.29 3.87
C GLU A 168 -44.75 0.64 4.11
N GLU A 169 -44.72 -0.41 4.93
CA GLU A 169 -43.46 -1.09 5.19
C GLU A 169 -42.92 -1.81 3.97
N ILE A 170 -43.78 -2.20 3.03
CA ILE A 170 -43.29 -2.77 1.79
C ILE A 170 -42.51 -1.73 0.99
N PHE A 171 -43.02 -0.49 0.96
CA PHE A 171 -42.33 0.57 0.24
C PHE A 171 -41.05 0.97 0.95
N CYS A 172 -41.08 1.00 2.30
CA CYS A 172 -39.85 1.28 3.03
C CYS A 172 -38.80 0.19 2.80
N THR A 173 -39.25 -1.07 2.69
CA THR A 173 -38.30 -2.15 2.44
C THR A 173 -37.71 -2.07 1.04
N LEU A 174 -38.54 -1.72 0.04
CA LEU A 174 -37.98 -1.55 -1.30
C LEU A 174 -37.04 -0.36 -1.35
N SER A 175 -37.32 0.68 -0.56
CA SER A 175 -36.40 1.82 -0.51
C SER A 175 -35.07 1.43 0.10
N ILE A 176 -35.10 0.67 1.20
CA ILE A 176 -33.86 0.22 1.82
C ILE A 176 -33.07 -0.65 0.84
N PHE A 177 -33.76 -1.54 0.14
CA PHE A 177 -33.09 -2.40 -0.83
C PHE A 177 -32.41 -1.57 -1.91
N CYS A 178 -33.15 -0.64 -2.52
CA CYS A 178 -32.61 0.16 -3.60
C CYS A 178 -31.42 0.98 -3.13
N ILE A 179 -31.55 1.63 -1.98
CA ILE A 179 -30.49 2.51 -1.51
C ILE A 179 -29.24 1.70 -1.14
N GLY A 180 -29.42 0.54 -0.52
CA GLY A 180 -28.27 -0.30 -0.20
C GLY A 180 -27.58 -0.80 -1.46
N PHE A 181 -28.35 -1.19 -2.47
CA PHE A 181 -27.76 -1.63 -3.72
C PHE A 181 -26.96 -0.50 -4.36
N LEU A 182 -27.56 0.69 -4.46
CA LEU A 182 -26.90 1.81 -5.10
C LEU A 182 -25.61 2.16 -4.37
N ALA A 183 -25.66 2.23 -3.04
CA ALA A 183 -24.46 2.61 -2.29
C ALA A 183 -23.37 1.55 -2.42
N THR A 184 -23.75 0.26 -2.37
CA THR A 184 -22.74 -0.78 -2.50
C THR A 184 -22.10 -0.76 -3.88
N PHE A 185 -22.91 -0.53 -4.92
CA PHE A 185 -22.36 -0.42 -6.27
C PHE A 185 -21.41 0.76 -6.39
N MET A 186 -21.85 1.93 -5.93
CA MET A 186 -21.02 3.13 -6.04
C MET A 186 -19.83 3.12 -5.10
N LYS A 187 -19.74 2.17 -4.19
CA LYS A 187 -18.58 2.09 -3.30
C LYS A 187 -17.45 1.24 -3.88
N LEU A 188 -17.67 0.54 -4.99
CA LEU A 188 -16.68 -0.37 -5.54
C LEU A 188 -16.05 0.15 -6.83
N TYR A 189 -16.48 1.30 -7.33
CA TYR A 189 -15.84 1.88 -8.50
C TYR A 189 -14.35 2.08 -8.23
N PRO A 190 -13.46 1.67 -9.14
CA PRO A 190 -12.02 1.81 -8.86
C PRO A 190 -11.57 3.24 -8.64
N SER A 191 -12.40 4.23 -8.96
CA SER A 191 -12.08 5.63 -8.74
C SER A 191 -12.42 6.11 -7.33
N MET A 192 -13.20 5.34 -6.57
CA MET A 192 -13.74 5.81 -5.31
C MET A 192 -13.15 5.12 -4.08
N LYS A 193 -12.03 4.41 -4.22
CA LYS A 193 -11.40 3.90 -3.00
C LYS A 193 -10.84 5.07 -2.19
N ALA A 194 -10.53 4.77 -0.92
CA ALA A 194 -10.09 5.76 0.05
C ALA A 194 -11.23 6.66 0.52
N TYR A 195 -12.47 6.19 0.41
CA TYR A 195 -13.64 6.93 0.91
C TYR A 195 -14.70 5.99 1.47
N GLU A 196 -14.40 4.70 1.64
CA GLU A 196 -15.38 3.75 2.14
C GLU A 196 -16.07 4.24 3.41
N TYR A 197 -15.37 5.00 4.25
CA TYR A 197 -15.98 5.48 5.48
C TYR A 197 -17.19 6.37 5.20
N GLY A 198 -17.14 7.17 4.13
CA GLY A 198 -18.26 8.04 3.82
C GLY A 198 -19.49 7.26 3.39
N PHE A 199 -19.32 6.24 2.54
CA PHE A 199 -20.45 5.44 2.12
C PHE A 199 -20.99 4.61 3.28
N ARG A 200 -20.09 4.15 4.16
CA ARG A 200 -20.54 3.40 5.33
C ARG A 200 -21.38 4.29 6.24
N VAL A 201 -20.95 5.53 6.47
CA VAL A 201 -21.73 6.44 7.30
C VAL A 201 -23.05 6.78 6.62
N PHE A 202 -23.04 6.93 5.30
CA PHE A 202 -24.28 7.21 4.57
C PHE A 202 -25.30 6.08 4.79
N LEU A 203 -24.85 4.83 4.60
CA LEU A 203 -25.77 3.71 4.73
C LEU A 203 -26.22 3.53 6.16
N LEU A 204 -25.32 3.68 7.13
CA LEU A 204 -25.70 3.52 8.52
C LEU A 204 -26.64 4.61 8.98
N THR A 205 -26.55 5.80 8.38
CA THR A 205 -27.41 6.89 8.83
C THR A 205 -28.78 6.80 8.18
N TYR A 206 -28.83 6.38 6.91
CA TYR A 206 -30.13 6.14 6.29
C TYR A 206 -30.86 5.02 7.01
N CYS A 207 -30.15 3.93 7.31
CA CYS A 207 -30.79 2.80 7.98
C CYS A 207 -31.26 3.19 9.39
N TYR A 208 -30.41 3.86 10.16
CA TYR A 208 -30.80 4.24 11.51
C TYR A 208 -32.01 5.16 11.49
N ILE A 209 -31.98 6.19 10.64
CA ILE A 209 -33.09 7.14 10.62
C ILE A 209 -34.38 6.45 10.20
N LEU A 210 -34.33 5.60 9.17
CA LEU A 210 -35.57 5.01 8.68
C LEU A 210 -36.13 3.96 9.65
N ILE A 211 -35.27 3.11 10.21
CA ILE A 211 -35.74 2.04 11.08
C ILE A 211 -36.14 2.55 12.46
N SER A 212 -35.31 3.42 13.05
CA SER A 212 -35.55 3.80 14.44
C SER A 212 -36.83 4.62 14.60
N GLY A 213 -37.08 5.54 13.68
CA GLY A 213 -38.30 6.32 13.72
C GLY A 213 -39.39 5.79 12.79
N PHE A 214 -40.36 5.08 13.34
CA PHE A 214 -41.40 4.46 12.54
C PHE A 214 -42.75 4.85 13.11
N ARG A 215 -43.59 5.48 12.29
CA ARG A 215 -44.94 5.91 12.63
C ARG A 215 -44.88 6.98 13.71
N THR A 216 -44.10 6.73 14.76
CA THR A 216 -43.88 7.73 15.80
C THR A 216 -43.36 9.02 15.20
N GLY A 217 -44.03 10.14 15.50
CA GLY A 217 -43.63 11.38 14.89
C GLY A 217 -42.40 11.93 15.59
N GLN A 218 -41.23 11.37 15.27
CA GLN A 218 -39.99 11.84 15.87
C GLN A 218 -38.81 11.87 14.90
N PHE A 219 -39.06 11.83 13.59
CA PHE A 219 -37.97 11.89 12.63
C PHE A 219 -37.11 13.12 12.85
N ILE A 220 -37.75 14.30 12.84
CA ILE A 220 -37.00 15.55 12.93
C ILE A 220 -36.39 15.71 14.31
N GLU A 221 -37.16 15.37 15.35
CA GLU A 221 -36.64 15.45 16.71
C GLU A 221 -35.47 14.49 16.91
N VAL A 222 -35.64 13.23 16.49
CA VAL A 222 -34.55 12.27 16.58
C VAL A 222 -33.31 12.79 15.86
N ALA A 223 -33.50 13.49 14.73
CA ALA A 223 -32.34 13.93 13.96
C ALA A 223 -31.65 15.10 14.65
N ILE A 224 -32.42 16.09 15.10
CA ILE A 224 -31.85 17.22 15.80
C ILE A 224 -31.11 16.75 17.04
N SER A 225 -31.72 15.84 17.80
CA SER A 225 -31.06 15.31 19.00
C SER A 225 -29.78 14.57 18.66
N ARG A 226 -29.80 13.73 17.62
CA ARG A 226 -28.60 12.98 17.28
C ARG A 226 -27.52 13.86 16.64
N PHE A 227 -27.86 15.07 16.20
CA PHE A 227 -26.86 15.98 15.67
C PHE A 227 -26.43 17.07 16.65
N LEU A 228 -27.12 17.20 17.79
CA LEU A 228 -26.70 18.18 18.78
C LEU A 228 -25.57 17.69 19.69
N LEU A 229 -25.26 16.39 19.67
CA LEU A 229 -24.22 15.82 20.50
C LEU A 229 -22.96 15.45 19.73
N ILE A 230 -23.11 14.95 18.50
CA ILE A 230 -21.95 14.69 17.66
C ILE A 230 -21.17 15.97 17.42
N ALA A 231 -21.86 17.11 17.35
CA ALA A 231 -21.16 18.38 17.17
C ALA A 231 -20.30 18.72 18.39
N LEU A 232 -20.80 18.45 19.60
CA LEU A 232 -20.00 18.72 20.79
C LEU A 232 -18.82 17.77 20.88
N GLY A 233 -19.03 16.49 20.55
CA GLY A 233 -17.92 15.56 20.54
C GLY A 233 -16.86 15.95 19.53
N ALA A 234 -17.28 16.44 18.37
CA ALA A 234 -16.33 16.85 17.34
C ALA A 234 -15.60 18.12 17.76
N GLY A 235 -16.30 19.02 18.45
CA GLY A 235 -15.64 20.23 18.91
C GLY A 235 -14.59 19.94 19.97
N VAL A 236 -14.91 19.05 20.90
CA VAL A 236 -13.93 18.67 21.92
C VAL A 236 -12.74 17.97 21.27
N SER A 237 -13.00 17.11 20.28
CA SER A 237 -11.92 16.43 19.59
C SER A 237 -11.01 17.43 18.89
N LEU A 238 -11.59 18.39 18.17
CA LEU A 238 -10.81 19.33 17.39
C LEU A 238 -10.23 20.46 18.23
N GLY A 239 -10.62 20.56 19.50
CA GLY A 239 -9.97 21.52 20.36
C GLY A 239 -8.81 20.88 21.08
N VAL A 240 -8.98 19.62 21.49
CA VAL A 240 -7.88 18.91 22.14
C VAL A 240 -6.76 18.63 21.15
N ASN A 241 -7.11 18.10 19.97
CA ASN A 241 -6.10 17.81 18.97
C ASN A 241 -5.27 19.03 18.63
N MET A 242 -5.91 20.19 18.45
CA MET A 242 -5.26 21.37 17.91
C MET A 242 -4.55 22.21 18.96
N PHE A 243 -5.20 22.49 20.09
CA PHE A 243 -4.69 23.50 21.01
C PHE A 243 -3.79 22.94 22.10
N ILE A 244 -3.60 21.62 22.18
CA ILE A 244 -2.70 21.08 23.19
C ILE A 244 -1.33 20.80 22.58
N TYR A 245 -1.30 20.01 21.50
CA TYR A 245 -0.08 19.74 20.75
C TYR A 245 -0.43 19.32 19.33
N PRO A 246 -0.13 20.15 18.33
CA PRO A 246 -0.53 19.81 16.96
C PRO A 246 0.57 19.13 16.17
N ILE A 247 0.22 18.10 15.40
CA ILE A 247 1.13 17.45 14.47
C ILE A 247 0.70 17.84 13.06
N TRP A 248 1.61 18.44 12.31
CA TRP A 248 1.33 18.93 10.96
C TRP A 248 1.96 18.00 9.92
N ALA A 249 1.35 17.95 8.74
CA ALA A 249 1.87 17.15 7.64
C ALA A 249 2.84 17.92 6.76
N GLY A 250 2.76 19.25 6.76
CA GLY A 250 3.71 20.06 6.02
C GLY A 250 5.10 20.06 6.64
N GLU A 251 5.19 19.73 7.93
CA GLU A 251 6.48 19.55 8.58
C GLU A 251 6.93 18.09 8.54
N ASP A 252 6.10 17.18 8.05
CA ASP A 252 6.49 15.79 7.83
C ASP A 252 6.93 15.51 6.40
N LEU A 253 6.36 16.24 5.42
CA LEU A 253 6.82 16.09 4.05
C LEU A 253 8.27 16.55 3.89
N HIS A 254 8.62 17.67 4.52
CA HIS A 254 9.99 18.16 4.49
C HIS A 254 10.95 17.14 5.07
N ASN A 255 10.58 16.55 6.21
CA ASN A 255 11.45 15.57 6.87
C ASN A 255 11.57 14.30 6.02
N LEU A 256 10.48 13.90 5.37
CA LEU A 256 10.54 12.74 4.48
C LEU A 256 11.50 13.00 3.33
N VAL A 257 11.46 14.21 2.75
CA VAL A 257 12.36 14.55 1.66
C VAL A 257 13.81 14.49 2.12
N VAL A 258 14.10 15.07 3.29
CA VAL A 258 15.46 15.06 3.81
C VAL A 258 15.93 13.63 4.05
N LYS A 259 15.05 12.79 4.64
CA LYS A 259 15.43 11.41 4.91
C LYS A 259 15.70 10.65 3.63
N ASN A 260 14.92 10.89 2.58
CA ASN A 260 15.17 10.24 1.31
C ASN A 260 16.49 10.67 0.72
N PHE A 261 16.81 11.97 0.82
CA PHE A 261 18.10 12.45 0.33
C PHE A 261 19.25 11.76 1.05
N MET A 262 19.13 11.56 2.36
CA MET A 262 20.20 10.89 3.10
C MET A 262 20.29 9.41 2.72
N ASN A 263 19.15 8.75 2.59
CA ASN A 263 19.13 7.32 2.32
C ASN A 263 19.73 7.02 0.94
N VAL A 264 19.43 7.84 -0.06
CA VAL A 264 19.95 7.56 -1.40
C VAL A 264 21.47 7.62 -1.40
N ALA A 265 22.05 8.59 -0.69
CA ALA A 265 23.50 8.68 -0.61
C ALA A 265 24.10 7.49 0.13
N THR A 266 23.45 7.09 1.23
CA THR A 266 23.97 5.93 1.96
C THR A 266 23.96 4.68 1.09
N SER A 267 22.87 4.48 0.33
CA SER A 267 22.80 3.33 -0.56
C SER A 267 23.86 3.41 -1.66
N LEU A 268 24.07 4.61 -2.21
CA LEU A 268 25.08 4.75 -3.26
C LEU A 268 26.46 4.37 -2.76
N GLU A 269 26.82 4.83 -1.54
CA GLU A 269 28.11 4.45 -1.00
C GLU A 269 28.18 2.95 -0.73
N GLY A 270 27.11 2.38 -0.18
CA GLY A 270 27.11 0.97 0.16
C GLY A 270 27.29 0.08 -1.04
N CYS A 271 26.68 0.45 -2.17
CA CYS A 271 26.77 -0.39 -3.36
C CYS A 271 28.20 -0.51 -3.85
N VAL A 272 28.90 0.62 -3.96
CA VAL A 272 30.28 0.59 -4.43
C VAL A 272 31.18 -0.12 -3.43
N ASN A 273 30.95 0.12 -2.12
CA ASN A 273 31.77 -0.56 -1.12
C ASN A 273 31.59 -2.07 -1.20
N GLY A 274 30.34 -2.52 -1.38
CA GLY A 274 30.10 -3.96 -1.51
C GLY A 274 30.70 -4.54 -2.78
N TYR A 275 30.64 -3.79 -3.88
CA TYR A 275 31.19 -4.31 -5.13
C TYR A 275 32.71 -4.42 -5.08
N LEU A 276 33.37 -3.48 -4.41
CA LEU A 276 34.83 -3.49 -4.36
C LEU A 276 35.37 -4.29 -3.18
N ARG A 277 34.52 -5.01 -2.46
CA ARG A 277 34.97 -5.79 -1.32
C ARG A 277 35.90 -6.91 -1.77
N CYS A 278 36.92 -7.18 -0.96
CA CYS A 278 37.87 -8.24 -1.26
C CYS A 278 37.48 -9.54 -0.55
N VAL A 298 21.94 -0.87 2.38
CA VAL A 298 21.87 -0.49 0.98
C VAL A 298 20.46 -0.69 0.45
N TYR A 299 19.85 -1.81 0.81
CA TYR A 299 18.51 -2.13 0.33
C TYR A 299 17.50 -1.12 0.84
N LYS A 300 17.52 -0.88 2.16
CA LYS A 300 16.49 -0.05 2.79
C LYS A 300 16.45 1.34 2.19
N GLY A 301 17.60 1.91 1.86
CA GLY A 301 17.65 3.29 1.43
C GLY A 301 16.88 3.53 0.15
N TYR A 302 17.33 2.92 -0.95
CA TYR A 302 16.63 3.10 -2.22
C TYR A 302 15.23 2.48 -2.17
N ARG A 303 15.03 1.40 -1.40
CA ARG A 303 13.69 0.84 -1.33
C ARG A 303 12.70 1.79 -0.67
N SER A 304 13.17 2.60 0.29
CA SER A 304 12.32 3.62 0.90
C SER A 304 12.18 4.84 0.00
N ALA A 305 13.23 5.20 -0.73
CA ALA A 305 13.19 6.38 -1.58
C ALA A 305 12.51 6.12 -2.92
N VAL A 306 12.15 4.88 -3.22
CA VAL A 306 11.48 4.55 -4.47
C VAL A 306 10.06 4.04 -4.27
N GLU A 307 9.65 3.76 -3.03
CA GLU A 307 8.36 3.16 -2.74
C GLU A 307 7.59 3.98 -1.71
N SER A 308 7.63 5.31 -1.85
CA SER A 308 6.97 6.18 -0.88
C SER A 308 6.14 7.28 -1.55
N THR A 309 5.97 7.24 -2.88
CA THR A 309 5.23 8.29 -3.56
C THR A 309 3.82 8.44 -2.99
N SER A 310 3.19 7.33 -2.59
CA SER A 310 1.85 7.41 -2.03
C SER A 310 1.85 8.20 -0.73
N GLN A 311 2.86 8.00 0.12
CA GLN A 311 2.93 8.74 1.37
C GLN A 311 3.07 10.24 1.12
N GLU A 312 3.90 10.62 0.14
CA GLU A 312 4.05 12.04 -0.18
C GLU A 312 2.76 12.61 -0.75
N GLU A 313 2.04 11.84 -1.57
CA GLU A 313 0.78 12.32 -2.12
C GLU A 313 -0.26 12.50 -1.01
N SER A 314 -0.32 11.57 -0.07
CA SER A 314 -1.25 11.72 1.05
C SER A 314 -0.90 12.92 1.91
N LEU A 315 0.39 13.10 2.22
CA LEU A 315 0.80 14.24 3.03
C LEU A 315 0.51 15.55 2.33
N MET A 316 0.68 15.60 1.01
CA MET A 316 0.33 16.80 0.26
C MET A 316 -1.18 17.03 0.25
N SER A 317 -1.96 15.96 0.21
CA SER A 317 -3.42 16.11 0.23
C SER A 317 -3.91 16.57 1.60
N PHE A 318 -3.17 16.25 2.66
CA PHE A 318 -3.56 16.67 4.01
C PHE A 318 -3.02 18.05 4.36
N ALA A 319 -1.88 18.45 3.80
CA ALA A 319 -1.24 19.70 4.18
C ALA A 319 -1.90 20.94 3.58
N ILE A 320 -2.81 20.76 2.61
CA ILE A 320 -3.45 21.91 1.99
C ILE A 320 -4.59 22.46 2.83
N TRP A 321 -5.07 21.70 3.82
CA TRP A 321 -6.18 22.12 4.65
C TRP A 321 -5.74 22.96 5.84
N GLU A 322 -4.46 22.91 6.20
CA GLU A 322 -3.97 23.53 7.42
C GLU A 322 -3.74 25.04 7.22
N PRO A 323 -3.92 25.82 8.28
CA PRO A 323 -3.71 27.27 8.18
C PRO A 323 -2.23 27.61 8.29
N PRO A 324 -1.86 28.84 7.91
CA PRO A 324 -0.43 29.21 7.97
C PRO A 324 0.10 29.15 9.39
N HIS A 325 1.31 28.63 9.53
CA HIS A 325 1.93 28.47 10.84
C HIS A 325 3.44 28.42 10.69
N GLY A 326 4.13 28.88 11.73
CA GLY A 326 5.57 28.81 11.79
C GLY A 326 6.26 29.44 10.60
N PRO A 327 7.23 28.72 10.02
CA PRO A 327 7.95 29.26 8.86
C PRO A 327 7.17 29.24 7.56
N TYR A 328 6.11 28.44 7.48
CA TYR A 328 5.33 28.32 6.25
C TYR A 328 4.20 29.35 6.25
N LYS A 329 4.61 30.62 6.15
CA LYS A 329 3.70 31.75 6.24
C LYS A 329 3.36 32.21 4.82
N SER A 330 2.26 31.68 4.30
CA SER A 330 1.75 32.08 2.99
C SER A 330 0.38 31.45 2.78
N PHE A 331 -0.46 32.14 2.02
CA PHE A 331 -1.83 31.66 1.81
C PHE A 331 -1.84 30.37 1.00
N ASN A 332 -1.00 30.27 -0.03
CA ASN A 332 -0.87 29.06 -0.86
C ASN A 332 0.60 28.67 -0.94
N TYR A 333 1.05 27.88 0.03
CA TYR A 333 2.42 27.39 0.01
C TYR A 333 2.60 26.39 -1.13
N PRO A 334 3.68 26.50 -1.91
CA PRO A 334 3.87 25.56 -3.02
C PRO A 334 4.27 24.17 -2.55
N TRP A 335 3.33 23.46 -1.92
CA TRP A 335 3.59 22.10 -1.47
C TRP A 335 3.80 21.12 -2.61
N LYS A 336 3.45 21.51 -3.85
CA LYS A 336 3.60 20.64 -5.01
C LYS A 336 4.99 20.66 -5.61
N ASN A 337 5.90 21.52 -5.12
CA ASN A 337 7.27 21.55 -5.60
C ASN A 337 8.19 20.60 -4.83
N TYR A 338 7.70 19.97 -3.76
CA TYR A 338 8.45 18.94 -3.08
C TYR A 338 8.33 17.60 -3.81
N VAL A 339 7.14 17.33 -4.37
CA VAL A 339 6.90 16.06 -5.06
C VAL A 339 7.75 15.98 -6.32
N LYS A 340 7.98 17.11 -7.00
CA LYS A 340 8.81 17.10 -8.19
C LYS A 340 10.24 16.69 -7.85
N LEU A 341 10.79 17.23 -6.76
CA LEU A 341 12.13 16.87 -6.33
C LEU A 341 12.18 15.42 -5.88
N SER A 342 11.13 14.94 -5.21
CA SER A 342 11.10 13.53 -4.83
C SER A 342 11.09 12.62 -6.06
N GLY A 343 10.34 13.00 -7.09
CA GLY A 343 10.32 12.21 -8.31
C GLY A 343 11.65 12.20 -9.02
N ALA A 344 12.32 13.36 -9.06
CA ALA A 344 13.66 13.40 -9.65
C ALA A 344 14.62 12.50 -8.87
N LEU A 345 14.50 12.50 -7.54
CA LEU A 345 15.39 11.65 -6.75
C LEU A 345 15.08 10.17 -6.95
N LYS A 346 13.81 9.82 -7.15
CA LYS A 346 13.47 8.43 -7.44
C LYS A 346 14.02 8.00 -8.81
N HIS A 347 13.92 8.89 -9.80
CA HIS A 347 14.50 8.60 -11.10
C HIS A 347 16.01 8.42 -11.00
N CYS A 348 16.66 9.18 -10.11
CA CYS A 348 18.10 9.01 -9.92
C CYS A 348 18.41 7.73 -9.15
N ALA A 349 17.52 7.29 -8.27
CA ALA A 349 17.77 6.11 -7.44
C ALA A 349 17.49 4.80 -8.17
N PHE A 350 16.75 4.85 -9.28
CA PHE A 350 16.54 3.62 -10.04
C PHE A 350 17.87 3.03 -10.51
N THR A 351 18.88 3.88 -10.73
CA THR A 351 20.19 3.37 -11.16
C THR A 351 20.95 2.75 -10.01
N VAL A 352 20.78 3.26 -8.78
CA VAL A 352 21.38 2.59 -7.63
C VAL A 352 20.71 1.24 -7.40
N MET A 353 19.40 1.15 -7.66
CA MET A 353 18.75 -0.14 -7.58
C MET A 353 19.27 -1.10 -8.65
N ALA A 354 19.58 -0.57 -9.83
CA ALA A 354 20.13 -1.44 -10.87
C ALA A 354 21.55 -1.88 -10.54
N LEU A 355 22.32 -1.04 -9.84
CA LEU A 355 23.67 -1.46 -9.43
C LEU A 355 23.59 -2.50 -8.31
N HIS A 356 22.63 -2.35 -7.40
CA HIS A 356 22.44 -3.38 -6.37
C HIS A 356 22.01 -4.70 -7.01
N GLY A 357 21.16 -4.65 -8.03
CA GLY A 357 20.86 -5.86 -8.76
C GLY A 357 22.06 -6.43 -9.49
N CYS A 358 22.96 -5.56 -9.95
CA CYS A 358 24.21 -6.03 -10.54
C CYS A 358 25.07 -6.77 -9.52
N ILE A 359 25.02 -6.36 -8.25
CA ILE A 359 25.83 -7.03 -7.24
C ILE A 359 25.37 -8.46 -7.03
N LEU A 360 24.06 -8.73 -7.14
CA LEU A 360 23.49 -10.04 -6.86
C LEU A 360 23.30 -10.88 -8.12
N SER A 361 24.08 -10.64 -9.16
CA SER A 361 23.89 -11.33 -10.43
C SER A 361 24.51 -12.73 -10.38
N GLU A 362 24.13 -13.56 -11.34
CA GLU A 362 24.62 -14.93 -11.42
C GLU A 362 25.98 -15.01 -12.10
N ILE A 363 26.31 -14.05 -12.97
CA ILE A 363 27.58 -14.00 -13.67
C ILE A 363 28.39 -12.85 -13.10
N GLN A 364 29.62 -13.15 -12.66
CA GLN A 364 30.48 -12.17 -12.03
C GLN A 364 31.86 -12.22 -12.67
N ALA A 365 32.57 -11.08 -12.61
CA ALA A 365 33.90 -10.89 -13.15
C ALA A 365 34.97 -11.25 -12.11
N PRO A 366 36.16 -11.64 -12.56
CA PRO A 366 37.22 -11.99 -11.62
C PRO A 366 37.69 -10.78 -10.82
N GLU A 367 38.14 -11.06 -9.60
CA GLU A 367 38.60 -9.99 -8.71
C GLU A 367 39.81 -9.27 -9.28
N GLU A 368 40.73 -10.02 -9.90
CA GLU A 368 41.96 -9.41 -10.42
C GLU A 368 41.64 -8.35 -11.45
N ARG A 369 40.60 -8.55 -12.27
CA ARG A 369 40.20 -7.53 -13.22
C ARG A 369 39.37 -6.44 -12.57
N ARG A 370 38.70 -6.74 -11.46
CA ARG A 370 37.95 -5.71 -10.75
C ARG A 370 38.88 -4.69 -10.10
N GLN A 371 40.02 -5.15 -9.57
CA GLN A 371 40.90 -4.27 -8.81
C GLN A 371 41.62 -3.25 -9.69
N VAL A 372 41.53 -3.37 -11.02
CA VAL A 372 42.20 -2.41 -11.90
C VAL A 372 41.51 -1.05 -11.92
N PHE A 373 40.23 -0.98 -11.58
CA PHE A 373 39.47 0.27 -11.67
C PHE A 373 38.97 0.75 -10.31
N ARG A 374 39.63 0.36 -9.23
CA ARG A 374 39.12 0.66 -7.89
C ARG A 374 39.07 2.16 -7.62
N GLN A 375 40.16 2.87 -7.95
CA GLN A 375 40.30 4.26 -7.52
C GLN A 375 39.22 5.15 -8.13
N GLU A 376 38.97 5.01 -9.42
CA GLU A 376 38.01 5.89 -10.08
C GLU A 376 36.61 5.66 -9.56
N LEU A 377 36.24 4.39 -9.33
CA LEU A 377 34.91 4.11 -8.80
C LEU A 377 34.75 4.65 -7.39
N GLN A 378 35.79 4.51 -6.56
CA GLN A 378 35.71 5.06 -5.22
C GLN A 378 35.57 6.58 -5.25
N ARG A 379 36.31 7.24 -6.15
CA ARG A 379 36.21 8.68 -6.27
C ARG A 379 34.82 9.11 -6.70
N VAL A 380 34.24 8.41 -7.68
CA VAL A 380 32.92 8.77 -8.18
C VAL A 380 31.88 8.58 -7.08
N GLY A 381 31.99 7.50 -6.30
CA GLY A 381 31.05 7.28 -5.22
C GLY A 381 31.17 8.35 -4.14
N VAL A 382 32.40 8.70 -3.77
CA VAL A 382 32.61 9.73 -2.76
C VAL A 382 31.99 11.05 -3.22
N GLU A 383 32.25 11.43 -4.48
CA GLU A 383 31.74 12.70 -4.98
C GLU A 383 30.22 12.71 -5.02
N GLY A 384 29.60 11.61 -5.48
CA GLY A 384 28.16 11.56 -5.55
C GLY A 384 27.51 11.63 -4.17
N ALA A 385 28.10 10.93 -3.20
CA ALA A 385 27.55 10.96 -1.85
C ALA A 385 27.71 12.34 -1.23
N LYS A 386 28.85 12.99 -1.46
CA LYS A 386 29.03 14.34 -0.94
C LYS A 386 28.02 15.30 -1.54
N LEU A 387 27.78 15.20 -2.86
CA LEU A 387 26.82 16.09 -3.50
C LEU A 387 25.41 15.87 -2.96
N LEU A 388 25.01 14.60 -2.80
CA LEU A 388 23.68 14.33 -2.30
C LEU A 388 23.50 14.83 -0.87
N ARG A 389 24.53 14.66 -0.04
CA ARG A 389 24.43 15.13 1.34
C ARG A 389 24.39 16.65 1.39
N GLU A 390 25.16 17.32 0.53
CA GLU A 390 25.10 18.78 0.47
C GLU A 390 23.72 19.27 0.07
N LEU A 391 23.11 18.63 -0.93
CA LEU A 391 21.78 19.03 -1.35
C LEU A 391 20.76 18.78 -0.24
N GLY A 392 20.89 17.68 0.49
CA GLY A 392 19.99 17.42 1.59
C GLY A 392 20.12 18.44 2.71
N GLU A 393 21.36 18.81 3.04
CA GLU A 393 21.56 19.81 4.09
C GLU A 393 21.08 21.19 3.64
N LYS A 394 21.18 21.49 2.35
CA LYS A 394 20.65 22.75 1.85
C LYS A 394 19.13 22.76 1.88
N VAL A 395 18.50 21.61 1.61
CA VAL A 395 17.05 21.53 1.69
C VAL A 395 16.58 21.69 3.14
N LYS A 396 17.30 21.07 4.08
CA LYS A 396 16.87 21.10 5.47
C LYS A 396 16.85 22.51 6.04
N LYS A 397 17.87 23.30 5.73
CA LYS A 397 18.00 24.63 6.30
C LYS A 397 17.21 25.70 5.55
N MET A 398 16.55 25.35 4.45
CA MET A 398 15.80 26.31 3.65
C MET A 398 16.68 27.47 3.21
N GLU A 399 17.71 27.13 2.42
CA GLU A 399 18.67 28.10 1.94
C GLU A 399 18.90 27.93 0.44
N LYS A 400 19.25 29.03 -0.22
CA LYS A 400 19.51 29.01 -1.65
C LYS A 400 20.93 28.51 -1.94
N LEU A 401 21.15 28.14 -3.20
CA LEU A 401 22.46 27.72 -3.65
C LEU A 401 23.36 28.93 -3.85
N GLY A 402 24.66 28.73 -3.65
CA GLY A 402 25.61 29.82 -3.75
C GLY A 402 25.97 30.12 -5.19
N PRO A 403 27.14 30.75 -5.39
CA PRO A 403 27.55 31.15 -6.74
C PRO A 403 28.45 30.16 -7.47
N VAL A 404 28.93 29.12 -6.80
CA VAL A 404 29.85 28.17 -7.41
C VAL A 404 29.09 26.95 -7.89
N ASP A 405 29.65 26.26 -8.89
CA ASP A 405 29.04 25.07 -9.45
C ASP A 405 29.22 23.89 -8.50
N LEU A 406 28.15 23.11 -8.33
CA LEU A 406 28.17 21.98 -7.40
C LEU A 406 28.47 20.65 -8.06
N LEU A 407 28.52 20.61 -9.40
CA LEU A 407 28.75 19.37 -10.12
C LEU A 407 30.13 19.32 -10.78
N PHE A 408 31.00 20.29 -10.49
CA PHE A 408 32.29 20.36 -11.16
C PHE A 408 33.18 19.18 -10.80
N GLU A 409 33.20 18.77 -9.53
CA GLU A 409 34.10 17.70 -9.13
C GLU A 409 33.64 16.34 -9.64
N VAL A 410 32.35 16.03 -9.52
CA VAL A 410 31.89 14.72 -9.99
C VAL A 410 32.02 14.63 -11.49
N HIS A 411 31.84 15.74 -12.20
CA HIS A 411 31.97 15.70 -13.65
C HIS A 411 33.40 15.38 -14.04
N LEU A 412 34.37 15.79 -13.23
CA LEU A 412 35.74 15.43 -13.52
C LEU A 412 35.98 13.96 -13.19
N ALA A 413 35.43 13.49 -12.07
CA ALA A 413 35.63 12.10 -11.70
C ALA A 413 35.09 11.16 -12.77
N ALA A 414 33.86 11.42 -13.23
CA ALA A 414 33.27 10.54 -14.21
C ALA A 414 34.01 10.61 -15.54
N GLU A 415 34.70 11.72 -15.80
CA GLU A 415 35.51 11.77 -17.01
C GLU A 415 36.79 10.95 -16.83
N GLU A 416 37.42 11.02 -15.66
CA GLU A 416 38.64 10.27 -15.46
C GLU A 416 38.40 8.78 -15.63
N LEU A 417 37.30 8.28 -15.09
CA LEU A 417 37.00 6.86 -15.22
C LEU A 417 36.94 6.48 -16.70
N GLN A 418 36.29 7.31 -17.51
CA GLN A 418 36.19 6.98 -18.93
C GLN A 418 37.57 6.78 -19.53
N HIS A 419 38.50 7.68 -19.21
CA HIS A 419 39.84 7.56 -19.79
C HIS A 419 40.45 6.21 -19.43
N LYS A 420 40.29 5.79 -18.18
CA LYS A 420 40.85 4.52 -17.76
C LYS A 420 40.27 3.38 -18.59
N ILE A 421 38.95 3.42 -18.83
CA ILE A 421 38.33 2.36 -19.62
C ILE A 421 38.97 2.29 -21.00
N ASP A 422 39.33 3.44 -21.57
CA ASP A 422 39.94 3.44 -22.89
C ASP A 422 41.32 2.77 -22.87
N LYS A 423 42.04 2.86 -21.75
CA LYS A 423 43.41 2.37 -21.71
C LYS A 423 43.53 0.87 -21.47
N LYS A 424 42.51 0.23 -20.90
CA LYS A 424 42.59 -1.19 -20.56
C LYS A 424 41.41 -1.98 -21.08
N SER A 425 40.86 -1.57 -22.24
CA SER A 425 39.68 -2.23 -22.76
C SER A 425 39.93 -3.70 -23.08
N TYR A 426 41.19 -4.07 -23.34
CA TYR A 426 41.51 -5.45 -23.67
C TYR A 426 41.15 -6.43 -22.56
N LEU A 427 40.80 -5.95 -21.38
CA LEU A 427 40.45 -6.81 -20.26
C LEU A 427 38.96 -7.11 -20.18
N LEU A 428 38.19 -6.76 -21.21
CA LEU A 428 36.76 -6.98 -21.21
C LEU A 428 36.25 -7.62 -22.50
N VAL A 429 37.07 -7.69 -23.55
CA VAL A 429 36.66 -8.25 -24.83
C VAL A 429 37.76 -9.20 -25.29
N ASN A 430 37.39 -10.10 -26.20
CA ASN A 430 38.32 -11.07 -26.78
C ASN A 430 38.75 -10.56 -28.14
N SER A 431 40.01 -10.14 -28.25
CA SER A 431 40.52 -9.57 -29.49
C SER A 431 41.21 -10.60 -30.38
N GLU A 432 41.04 -11.89 -30.07
CA GLU A 432 41.65 -12.96 -30.85
C GLU A 432 40.65 -13.62 -31.80
N CYS A 433 39.41 -13.14 -31.85
CA CYS A 433 38.37 -13.72 -32.69
C CYS A 433 37.76 -12.72 -33.66
N TRP A 434 38.31 -11.51 -33.74
CA TRP A 434 37.72 -10.48 -34.60
C TRP A 434 37.78 -10.91 -36.06
N GLU A 435 36.65 -10.86 -36.74
CA GLU A 435 36.58 -11.24 -38.14
C GLU A 435 35.62 -10.32 -38.92
N LYS A 527 34.65 -19.72 -23.73
CA LYS A 527 33.33 -20.12 -23.27
C LYS A 527 32.43 -18.90 -23.08
N THR A 528 31.12 -19.14 -23.06
CA THR A 528 30.17 -18.05 -22.86
C THR A 528 30.30 -17.44 -21.46
N TYR A 529 30.52 -18.29 -20.45
CA TYR A 529 30.58 -17.80 -19.08
C TYR A 529 31.73 -16.83 -18.88
N GLU A 530 32.90 -17.15 -19.47
CA GLU A 530 34.05 -16.25 -19.34
C GLU A 530 33.78 -14.91 -19.99
N SER A 531 33.17 -14.94 -21.19
CA SER A 531 32.86 -13.69 -21.88
C SER A 531 31.88 -12.85 -21.07
N ALA A 532 30.85 -13.47 -20.51
CA ALA A 532 29.88 -12.72 -19.71
C ALA A 532 30.54 -12.15 -18.45
N SER A 533 31.41 -12.93 -17.80
CA SER A 533 32.10 -12.44 -16.62
C SER A 533 32.96 -11.23 -16.96
N ALA A 534 33.65 -11.28 -18.10
CA ALA A 534 34.43 -10.13 -18.53
C ALA A 534 33.54 -8.93 -18.85
N LEU A 535 32.40 -9.18 -19.49
CA LEU A 535 31.54 -8.08 -19.94
C LEU A 535 30.72 -7.43 -18.83
N SER A 536 30.62 -8.07 -17.65
CA SER A 536 29.82 -7.47 -16.58
C SER A 536 30.45 -6.19 -16.03
N LEU A 537 31.77 -6.10 -16.05
CA LEU A 537 32.44 -4.91 -15.52
C LEU A 537 32.08 -3.66 -16.31
N ALA A 538 31.99 -3.80 -17.64
CA ALA A 538 31.58 -2.65 -18.45
C ALA A 538 30.15 -2.23 -18.17
N THR A 539 29.30 -3.19 -17.79
CA THR A 539 27.92 -2.85 -17.44
C THR A 539 27.88 -2.08 -16.13
N PHE A 540 28.63 -2.51 -15.12
CA PHE A 540 28.71 -1.81 -13.84
C PHE A 540 29.29 -0.41 -13.97
N ALA A 541 30.39 -0.26 -14.69
CA ALA A 541 30.98 1.05 -14.92
C ALA A 541 30.11 1.95 -15.79
N SER A 542 29.43 1.37 -16.76
CA SER A 542 28.54 2.12 -17.64
C SER A 542 27.27 2.54 -16.95
N LEU A 543 26.88 1.87 -15.87
CA LEU A 543 25.69 2.21 -15.12
C LEU A 543 25.99 3.29 -14.12
N LEU A 544 27.22 3.38 -13.67
CA LEU A 544 27.66 4.43 -12.77
C LEU A 544 27.83 5.69 -13.55
N ILE A 545 28.16 5.58 -14.84
CA ILE A 545 28.19 6.78 -15.67
C ILE A 545 26.78 7.35 -15.84
N GLU A 546 25.78 6.48 -15.98
CA GLU A 546 24.40 6.95 -16.10
C GLU A 546 23.94 7.62 -14.81
N PHE A 547 24.29 7.03 -13.67
CA PHE A 547 23.94 7.66 -12.39
C PHE A 547 24.57 9.05 -12.30
N VAL A 548 25.83 9.17 -12.71
CA VAL A 548 26.48 10.48 -12.65
C VAL A 548 25.83 11.45 -13.63
N ALA A 549 25.32 10.96 -14.75
CA ALA A 549 24.70 11.82 -15.75
C ALA A 549 23.29 12.27 -15.37
N ARG A 550 22.62 11.59 -14.44
CA ARG A 550 21.23 11.93 -14.13
C ARG A 550 21.05 13.00 -13.04
N LEU A 551 22.11 13.70 -12.62
CA LEU A 551 21.99 14.62 -11.49
C LEU A 551 21.54 16.04 -11.87
N GLN A 552 21.69 16.43 -13.13
CA GLN A 552 21.30 17.78 -13.53
C GLN A 552 19.82 18.03 -13.33
N ASN A 553 18.98 17.01 -13.55
CA ASN A 553 17.55 17.20 -13.36
C ASN A 553 17.22 17.47 -11.90
N VAL A 554 17.91 16.79 -10.97
CA VAL A 554 17.68 17.03 -9.55
C VAL A 554 18.15 18.43 -9.18
N VAL A 555 19.27 18.87 -9.76
CA VAL A 555 19.74 20.23 -9.44
C VAL A 555 18.75 21.26 -9.96
N ASP A 556 18.16 21.03 -11.14
CA ASP A 556 17.19 21.98 -11.69
C ASP A 556 15.91 21.99 -10.85
N ALA A 557 15.46 20.82 -10.41
CA ALA A 557 14.28 20.78 -9.54
C ALA A 557 14.53 21.51 -8.23
N PHE A 558 15.73 21.35 -7.66
CA PHE A 558 16.05 22.08 -6.44
C PHE A 558 16.05 23.58 -6.68
N LYS A 559 16.60 24.03 -7.81
CA LYS A 559 16.59 25.47 -8.09
C LYS A 559 15.16 25.99 -8.23
N GLU A 560 14.30 25.23 -8.91
CA GLU A 560 12.91 25.66 -9.06
C GLU A 560 12.21 25.74 -7.71
N LEU A 561 12.42 24.74 -6.85
CA LEU A 561 11.80 24.76 -5.53
C LEU A 561 12.30 25.94 -4.71
N SER A 562 13.62 26.18 -4.71
CA SER A 562 14.17 27.29 -3.95
C SER A 562 13.73 28.63 -4.50
N GLN A 563 13.34 28.70 -5.78
CA GLN A 563 12.88 29.97 -6.33
C GLN A 563 11.40 30.21 -6.02
N LYS A 564 10.57 29.17 -6.10
CA LYS A 564 9.15 29.33 -5.84
C LYS A 564 8.82 29.45 -4.36
N ALA A 565 9.67 28.96 -3.47
CA ALA A 565 9.36 28.90 -2.04
C ALA A 565 10.03 30.01 -1.24
N ASN A 566 10.68 30.96 -1.90
CA ASN A 566 11.29 32.11 -1.22
C ASN A 566 12.28 31.67 -0.16
N PHE A 567 13.27 30.88 -0.59
CA PHE A 567 14.38 30.55 0.28
C PHE A 567 15.27 31.77 0.50
N LYS A 568 16.11 31.70 1.52
CA LYS A 568 16.93 32.83 1.95
C LYS A 568 18.34 32.73 1.35
N GLU A 569 18.97 33.89 1.23
CA GLU A 569 20.33 33.94 0.70
C GLU A 569 21.27 33.17 1.61
N PRO A 570 22.24 32.43 1.04
CA PRO A 570 23.10 31.58 1.87
C PRO A 570 24.26 32.33 2.50
N GLU A 571 24.17 33.66 2.53
CA GLU A 571 25.22 34.51 3.09
C GLU A 571 25.89 33.90 4.32
N ALA B 77 -20.06 2.85 -13.20
CA ALA B 77 -20.98 3.08 -14.31
C ALA B 77 -21.47 1.76 -14.88
N TRP B 78 -22.50 1.83 -15.74
CA TRP B 78 -23.06 0.63 -16.33
C TRP B 78 -21.98 -0.23 -17.00
N GLU B 79 -20.99 0.43 -17.61
CA GLU B 79 -19.91 -0.32 -18.26
C GLU B 79 -19.15 -1.17 -17.25
N MET B 80 -18.87 -0.61 -16.07
CA MET B 80 -18.14 -1.36 -15.05
C MET B 80 -18.93 -2.59 -14.61
N GLY B 81 -20.25 -2.45 -14.49
CA GLY B 81 -21.08 -3.59 -14.12
C GLY B 81 -21.07 -4.66 -15.20
N VAL B 82 -21.36 -4.26 -16.44
CA VAL B 82 -21.37 -5.21 -17.55
C VAL B 82 -20.06 -5.95 -17.63
N SER B 83 -18.93 -5.26 -17.42
CA SER B 83 -17.65 -5.91 -17.47
C SER B 83 -17.45 -6.87 -16.30
N ASP B 84 -17.92 -6.50 -15.11
CA ASP B 84 -17.75 -7.29 -13.90
C ASP B 84 -19.10 -7.53 -13.23
N PRO B 85 -19.89 -8.47 -13.75
CA PRO B 85 -21.21 -8.73 -13.15
C PRO B 85 -21.13 -9.19 -11.71
N ARG B 86 -19.95 -9.65 -11.28
CA ARG B 86 -19.78 -10.15 -9.91
C ARG B 86 -20.14 -9.08 -8.88
N LYS B 87 -19.65 -7.86 -9.08
CA LYS B 87 -19.93 -6.77 -8.15
C LYS B 87 -21.43 -6.56 -8.01
N ILE B 88 -22.17 -6.64 -9.11
CA ILE B 88 -23.62 -6.48 -9.05
C ILE B 88 -24.21 -7.56 -8.15
N VAL B 89 -23.70 -8.79 -8.25
CA VAL B 89 -24.17 -9.87 -7.39
C VAL B 89 -23.90 -9.55 -5.93
N PHE B 90 -22.72 -9.01 -5.64
CA PHE B 90 -22.39 -8.64 -4.26
C PHE B 90 -23.36 -7.58 -3.73
N SER B 91 -23.63 -6.56 -4.55
CA SER B 91 -24.58 -5.53 -4.14
C SER B 91 -25.96 -6.11 -3.90
N ALA B 92 -26.39 -7.03 -4.78
CA ALA B 92 -27.69 -7.66 -4.60
C ALA B 92 -27.74 -8.43 -3.29
N LYS B 93 -26.66 -9.14 -2.97
CA LYS B 93 -26.60 -9.86 -1.69
C LYS B 93 -26.74 -8.89 -0.51
N ILE B 94 -25.97 -7.80 -0.54
CA ILE B 94 -26.06 -6.81 0.53
C ILE B 94 -27.50 -6.32 0.68
N GLY B 95 -28.17 -6.10 -0.45
CA GLY B 95 -29.52 -5.55 -0.39
C GLY B 95 -30.52 -6.57 0.13
N LEU B 96 -30.39 -7.82 -0.31
CA LEU B 96 -31.30 -8.86 0.17
C LEU B 96 -31.12 -9.09 1.66
N ALA B 97 -29.87 -9.03 2.15
CA ALA B 97 -29.63 -9.22 3.57
C ALA B 97 -30.23 -8.08 4.39
N LEU B 98 -30.00 -6.84 3.95
CA LEU B 98 -30.58 -5.72 4.69
C LEU B 98 -32.10 -5.74 4.64
N THR B 99 -32.68 -6.20 3.52
CA THR B 99 -34.12 -6.33 3.43
C THR B 99 -34.64 -7.39 4.39
N ILE B 100 -33.95 -8.53 4.47
CA ILE B 100 -34.37 -9.58 5.40
C ILE B 100 -34.36 -9.05 6.83
N VAL B 101 -33.25 -8.44 7.24
CA VAL B 101 -33.17 -7.84 8.57
C VAL B 101 -34.34 -6.89 8.79
N ALA B 102 -34.49 -5.90 7.91
CA ALA B 102 -35.53 -4.89 8.06
C ALA B 102 -36.91 -5.52 8.20
N LEU B 103 -37.21 -6.55 7.41
CA LEU B 103 -38.52 -7.18 7.51
C LEU B 103 -38.67 -7.93 8.83
N LEU B 104 -37.64 -8.66 9.24
CA LEU B 104 -37.69 -9.39 10.50
C LEU B 104 -37.93 -8.46 11.67
N ILE B 105 -37.50 -7.20 11.55
CA ILE B 105 -37.73 -6.26 12.64
C ILE B 105 -39.05 -5.51 12.48
N PHE B 106 -39.48 -5.25 11.24
CA PHE B 106 -40.74 -4.56 11.01
C PHE B 106 -41.95 -5.41 11.36
N TYR B 107 -41.85 -6.74 11.21
CA TYR B 107 -43.00 -7.60 11.46
C TYR B 107 -42.76 -8.54 12.64
N GLN B 108 -41.83 -9.49 12.54
CA GLN B 108 -41.66 -10.52 13.56
C GLN B 108 -40.76 -9.98 14.69
N GLU B 109 -41.33 -9.07 15.47
CA GLU B 109 -40.65 -8.58 16.66
C GLU B 109 -41.65 -8.15 17.72
N PRO B 110 -42.55 -9.06 18.15
CA PRO B 110 -43.59 -8.64 19.12
C PRO B 110 -43.03 -8.14 20.43
N ASN B 111 -41.92 -8.71 20.90
CA ASN B 111 -41.35 -8.34 22.19
C ASN B 111 -41.02 -6.85 22.21
N PRO B 112 -41.55 -6.09 23.18
CA PRO B 112 -41.24 -4.65 23.21
C PRO B 112 -39.81 -4.34 23.61
N ASP B 113 -39.18 -5.17 24.45
CA ASP B 113 -37.81 -4.90 24.87
C ASP B 113 -36.88 -4.77 23.67
N LEU B 114 -37.01 -5.71 22.71
CA LEU B 114 -36.16 -5.66 21.54
C LEU B 114 -36.33 -4.34 20.79
N SER B 115 -37.56 -3.82 20.75
CA SER B 115 -37.80 -2.54 20.10
C SER B 115 -36.87 -1.46 20.63
N ARG B 116 -36.62 -1.47 21.95
CA ARG B 116 -35.75 -0.47 22.53
C ARG B 116 -34.35 -0.53 21.91
N TYR B 117 -33.88 -1.73 21.62
CA TYR B 117 -32.55 -1.96 21.06
C TYR B 117 -32.62 -2.89 19.86
N SER B 118 -33.56 -2.62 18.95
CA SER B 118 -33.73 -3.39 17.73
C SER B 118 -32.98 -2.79 16.55
N VAL B 119 -32.38 -1.61 16.71
CA VAL B 119 -31.58 -0.99 15.67
C VAL B 119 -30.13 -1.41 15.83
N TRP B 120 -29.91 -2.51 16.55
CA TRP B 120 -28.57 -3.04 16.76
C TRP B 120 -28.22 -4.19 15.82
N ALA B 121 -29.22 -4.76 15.13
CA ALA B 121 -28.97 -5.87 14.22
C ALA B 121 -28.71 -5.41 12.80
N ILE B 122 -29.34 -4.32 12.35
CA ILE B 122 -29.19 -3.84 10.99
C ILE B 122 -27.95 -2.96 10.88
N LEU B 123 -27.15 -2.92 11.94
CA LEU B 123 -25.87 -2.22 11.91
C LEU B 123 -24.69 -3.17 12.06
N THR B 124 -24.95 -4.47 12.22
CA THR B 124 -23.91 -5.49 12.21
C THR B 124 -23.79 -6.17 10.85
N VAL B 125 -24.59 -5.75 9.88
CA VAL B 125 -24.57 -6.32 8.53
C VAL B 125 -23.70 -5.45 7.64
N VAL B 126 -23.65 -4.15 7.94
CA VAL B 126 -22.86 -3.22 7.15
C VAL B 126 -21.39 -3.20 7.55
N VAL B 127 -20.98 -4.05 8.48
CA VAL B 127 -19.60 -4.06 8.95
C VAL B 127 -18.94 -5.43 8.86
N VAL B 128 -19.69 -6.54 8.86
CA VAL B 128 -19.10 -7.87 8.80
C VAL B 128 -19.22 -8.50 7.42
N PHE B 129 -19.88 -7.84 6.47
CA PHE B 129 -20.08 -8.41 5.14
C PHE B 129 -18.91 -8.01 4.26
N GLU B 130 -18.08 -8.98 3.90
CA GLU B 130 -16.89 -8.75 3.09
C GLU B 130 -17.02 -9.44 1.73
N PHE B 131 -16.03 -9.21 0.87
CA PHE B 131 -16.09 -9.73 -0.49
C PHE B 131 -15.87 -11.24 -0.52
N THR B 132 -14.99 -11.75 0.33
CA THR B 132 -14.64 -13.16 0.35
C THR B 132 -15.13 -13.81 1.64
N ILE B 133 -15.16 -15.15 1.63
CA ILE B 133 -15.58 -15.89 2.81
C ILE B 133 -14.50 -15.87 3.89
N GLY B 134 -13.24 -16.03 3.49
CA GLY B 134 -12.17 -16.05 4.47
C GLY B 134 -11.99 -14.73 5.19
N ALA B 135 -12.08 -13.62 4.45
CA ALA B 135 -11.95 -12.31 5.08
C ALA B 135 -13.07 -12.09 6.08
N THR B 136 -14.31 -12.42 5.68
CA THR B 136 -15.44 -12.28 6.60
C THR B 136 -15.23 -13.11 7.85
N LEU B 137 -14.80 -14.37 7.68
CA LEU B 137 -14.67 -15.26 8.83
C LEU B 137 -13.60 -14.75 9.79
N SER B 138 -12.42 -14.40 9.26
CA SER B 138 -11.32 -13.99 10.14
C SER B 138 -11.62 -12.66 10.81
N LYS B 139 -12.11 -11.67 10.05
CA LYS B 139 -12.42 -10.38 10.65
C LYS B 139 -13.53 -10.51 11.68
N GLY B 140 -14.52 -11.36 11.44
CA GLY B 140 -15.57 -11.58 12.43
C GLY B 140 -15.03 -12.23 13.69
N PHE B 141 -14.12 -13.19 13.54
CA PHE B 141 -13.51 -13.81 14.73
C PHE B 141 -12.73 -12.79 15.53
N ASN B 142 -11.98 -11.92 14.84
CA ASN B 142 -11.22 -10.88 15.54
C ASN B 142 -12.15 -9.92 16.27
N ARG B 143 -13.19 -9.45 15.59
CA ARG B 143 -14.12 -8.50 16.20
C ARG B 143 -14.85 -9.13 17.38
N ALA B 144 -15.17 -10.42 17.30
CA ALA B 144 -15.87 -11.06 18.41
C ALA B 144 -14.93 -11.24 19.60
N LEU B 145 -13.66 -11.57 19.34
CA LEU B 145 -12.70 -11.65 20.43
C LEU B 145 -12.56 -10.29 21.13
N GLY B 146 -12.41 -9.23 20.33
CA GLY B 146 -12.29 -7.90 20.91
C GLY B 146 -13.49 -7.51 21.73
N THR B 147 -14.70 -7.72 21.17
CA THR B 147 -15.92 -7.35 21.87
C THR B 147 -16.06 -8.13 23.18
N LEU B 148 -15.76 -9.43 23.14
CA LEU B 148 -15.94 -10.23 24.35
C LEU B 148 -14.95 -9.81 25.44
N SER B 149 -13.69 -9.59 25.06
CA SER B 149 -12.71 -9.18 26.06
C SER B 149 -13.06 -7.81 26.64
N ALA B 150 -13.48 -6.88 25.78
CA ALA B 150 -13.84 -5.55 26.27
C ALA B 150 -15.03 -5.61 27.21
N GLY B 151 -16.05 -6.40 26.86
CA GLY B 151 -17.20 -6.53 27.75
C GLY B 151 -16.83 -7.15 29.08
N GLY B 152 -15.97 -8.17 29.06
CA GLY B 152 -15.57 -8.78 30.31
C GLY B 152 -14.83 -7.83 31.21
N LEU B 153 -13.86 -7.10 30.64
CA LEU B 153 -13.10 -6.14 31.43
C LEU B 153 -14.01 -5.03 31.97
N ALA B 154 -14.91 -4.52 31.12
CA ALA B 154 -15.83 -3.47 31.56
C ALA B 154 -16.66 -3.94 32.74
N LEU B 155 -17.26 -5.14 32.63
CA LEU B 155 -18.10 -5.64 33.71
C LEU B 155 -17.27 -5.87 34.98
N GLY B 156 -16.05 -6.37 34.84
CA GLY B 156 -15.21 -6.58 36.00
C GLY B 156 -14.90 -5.28 36.72
N MET B 157 -14.52 -4.25 35.97
CA MET B 157 -14.23 -2.96 36.59
C MET B 157 -15.48 -2.35 37.21
N ALA B 158 -16.62 -2.47 36.53
CA ALA B 158 -17.87 -1.97 37.09
C ALA B 158 -18.16 -2.61 38.43
N GLU B 159 -18.01 -3.93 38.52
CA GLU B 159 -18.25 -4.62 39.78
C GLU B 159 -17.25 -4.19 40.85
N LEU B 160 -15.97 -4.06 40.47
CA LEU B 160 -14.95 -3.73 41.45
C LEU B 160 -15.04 -2.29 41.94
N SER B 161 -15.68 -1.41 41.19
CA SER B 161 -15.71 0.00 41.57
C SER B 161 -16.48 0.24 42.86
N THR B 162 -17.49 -0.58 43.15
CA THR B 162 -18.37 -0.34 44.29
C THR B 162 -17.62 -0.31 45.62
N LEU B 163 -16.44 -0.94 45.70
CA LEU B 163 -15.72 -1.01 46.97
C LEU B 163 -15.48 0.37 47.55
N PHE B 164 -14.94 1.29 46.75
CA PHE B 164 -14.73 2.67 47.17
C PHE B 164 -16.02 3.45 46.98
N GLY B 165 -16.83 3.52 48.03
CA GLY B 165 -18.10 4.22 47.94
C GLY B 165 -17.91 5.72 47.93
N ASP B 166 -18.87 6.41 47.33
CA ASP B 166 -18.89 7.87 47.19
C ASP B 166 -17.77 8.38 46.28
N TRP B 167 -16.92 7.50 45.76
CA TRP B 167 -15.81 7.88 44.87
C TRP B 167 -15.87 7.11 43.56
N GLU B 168 -17.08 6.72 43.13
CA GLU B 168 -17.23 5.90 41.93
C GLU B 168 -16.72 6.62 40.69
N GLU B 169 -17.23 7.82 40.43
CA GLU B 169 -16.88 8.54 39.21
C GLU B 169 -15.39 8.82 39.13
N ILE B 170 -14.80 9.28 40.23
CA ILE B 170 -13.36 9.52 40.30
C ILE B 170 -12.55 8.27 40.01
N PHE B 171 -13.18 7.10 39.96
CA PHE B 171 -12.54 5.85 39.60
C PHE B 171 -12.83 5.45 38.16
N CYS B 172 -14.09 5.61 37.73
CA CYS B 172 -14.45 5.22 36.37
C CYS B 172 -13.81 6.14 35.32
N THR B 173 -13.59 7.41 35.67
CA THR B 173 -12.94 8.30 34.71
C THR B 173 -11.46 7.98 34.58
N LEU B 174 -10.79 7.68 35.70
CA LEU B 174 -9.41 7.23 35.62
C LEU B 174 -9.30 5.91 34.87
N SER B 175 -10.32 5.06 34.99
CA SER B 175 -10.32 3.81 34.24
C SER B 175 -10.45 4.06 32.74
N ILE B 176 -11.40 4.91 32.35
CA ILE B 176 -11.55 5.23 30.93
C ILE B 176 -10.30 5.92 30.39
N PHE B 177 -9.55 6.61 31.26
CA PHE B 177 -8.36 7.29 30.78
C PHE B 177 -7.22 6.30 30.57
N CYS B 178 -6.99 5.43 31.56
CA CYS B 178 -5.96 4.41 31.40
C CYS B 178 -6.26 3.51 30.22
N ILE B 179 -7.52 3.12 30.05
CA ILE B 179 -7.85 2.19 28.98
C ILE B 179 -7.78 2.86 27.62
N GLY B 180 -8.12 4.15 27.52
CA GLY B 180 -7.94 4.83 26.25
C GLY B 180 -6.47 4.96 25.89
N PHE B 181 -5.63 5.26 26.88
CA PHE B 181 -4.20 5.39 26.61
C PHE B 181 -3.62 4.06 26.16
N LEU B 182 -3.97 2.97 26.86
CA LEU B 182 -3.44 1.67 26.49
C LEU B 182 -3.95 1.23 25.13
N ALA B 183 -5.28 1.30 24.92
CA ALA B 183 -5.81 0.87 23.63
C ALA B 183 -5.41 1.79 22.49
N THR B 184 -4.75 2.91 22.79
CA THR B 184 -4.25 3.77 21.73
C THR B 184 -2.77 3.56 21.46
N PHE B 185 -2.01 3.10 22.46
CA PHE B 185 -0.58 2.92 22.29
C PHE B 185 -0.24 1.65 21.50
N MET B 186 -0.96 0.55 21.77
CA MET B 186 -0.68 -0.73 21.13
C MET B 186 -1.05 -0.78 19.64
N LYS B 187 -2.02 0.02 19.18
CA LYS B 187 -2.31 0.01 17.75
C LYS B 187 -1.18 0.64 16.92
N LEU B 188 -0.63 1.76 17.38
CA LEU B 188 0.44 2.45 16.65
C LEU B 188 1.67 1.56 16.40
N TYR B 189 1.70 0.33 16.91
CA TYR B 189 2.83 -0.57 16.66
C TYR B 189 2.70 -1.22 15.29
N PRO B 190 3.85 -1.42 14.60
CA PRO B 190 3.78 -2.01 13.25
C PRO B 190 3.37 -3.47 13.23
N SER B 191 3.84 -4.27 14.20
CA SER B 191 3.39 -5.66 14.28
C SER B 191 1.89 -5.73 14.54
N MET B 192 1.40 -5.00 15.53
CA MET B 192 -0.02 -5.01 15.86
C MET B 192 -0.84 -4.16 14.91
N LYS B 193 -0.22 -3.49 13.93
CA LYS B 193 -0.98 -2.75 12.95
C LYS B 193 -1.57 -3.72 11.92
N ALA B 194 -2.57 -3.24 11.19
CA ALA B 194 -3.35 -4.03 10.24
C ALA B 194 -4.46 -4.78 10.98
N TYR B 195 -4.66 -4.47 12.26
CA TYR B 195 -5.70 -5.06 13.10
C TYR B 195 -6.41 -3.98 13.90
N GLU B 196 -6.52 -2.78 13.32
CA GLU B 196 -7.06 -1.65 14.06
C GLU B 196 -8.51 -1.88 14.44
N TYR B 197 -9.35 -2.26 13.47
CA TYR B 197 -10.77 -2.52 13.72
C TYR B 197 -11.03 -3.24 15.03
N GLY B 198 -10.18 -4.19 15.40
CA GLY B 198 -10.38 -4.89 16.66
C GLY B 198 -10.15 -4.02 17.87
N PHE B 199 -9.11 -3.17 17.82
CA PHE B 199 -8.85 -2.26 18.93
C PHE B 199 -9.95 -1.22 19.03
N ARG B 200 -10.44 -0.75 17.88
CA ARG B 200 -11.55 0.21 17.88
C ARG B 200 -12.80 -0.41 18.48
N VAL B 201 -13.09 -1.67 18.12
CA VAL B 201 -14.25 -2.36 18.70
C VAL B 201 -14.08 -2.50 20.20
N PHE B 202 -12.86 -2.82 20.65
CA PHE B 202 -12.63 -2.99 22.08
C PHE B 202 -12.86 -1.68 22.82
N LEU B 203 -12.31 -0.59 22.31
CA LEU B 203 -12.45 0.69 23.00
C LEU B 203 -13.90 1.17 22.98
N LEU B 204 -14.62 0.93 21.87
CA LEU B 204 -15.99 1.38 21.80
C LEU B 204 -16.88 0.57 22.72
N THR B 205 -16.62 -0.74 22.83
CA THR B 205 -17.46 -1.55 23.70
C THR B 205 -17.15 -1.28 25.17
N TYR B 206 -15.90 -0.94 25.48
CA TYR B 206 -15.59 -0.60 26.87
C TYR B 206 -16.23 0.73 27.27
N CYS B 207 -16.13 1.74 26.41
CA CYS B 207 -16.74 3.02 26.73
C CYS B 207 -18.25 2.89 26.82
N TYR B 208 -18.87 2.21 25.85
CA TYR B 208 -20.32 2.04 25.87
C TYR B 208 -20.77 1.33 27.15
N ILE B 209 -20.11 0.22 27.50
CA ILE B 209 -20.58 -0.57 28.64
C ILE B 209 -20.36 0.21 29.94
N LEU B 210 -19.26 0.95 30.04
CA LEU B 210 -19.02 1.71 31.26
C LEU B 210 -20.03 2.85 31.41
N ILE B 211 -20.20 3.66 30.36
CA ILE B 211 -21.06 4.84 30.46
C ILE B 211 -22.52 4.45 30.60
N SER B 212 -22.99 3.52 29.78
CA SER B 212 -24.41 3.19 29.71
C SER B 212 -25.00 2.80 31.06
N GLY B 213 -24.59 1.65 31.59
CA GLY B 213 -25.19 1.12 32.80
C GLY B 213 -25.10 2.03 34.02
N PHE B 214 -23.88 2.40 34.39
CA PHE B 214 -23.62 3.25 35.54
C PHE B 214 -24.46 2.85 36.76
N ARG B 215 -24.95 3.85 37.49
CA ARG B 215 -25.61 3.60 38.77
C ARG B 215 -26.80 2.64 38.62
N THR B 216 -27.51 2.71 37.50
CA THR B 216 -28.71 1.89 37.32
C THR B 216 -28.49 0.41 37.63
N GLY B 217 -27.24 -0.06 37.62
CA GLY B 217 -26.95 -1.43 37.95
C GLY B 217 -27.18 -2.41 36.82
N GLN B 218 -27.70 -1.97 35.68
CA GLN B 218 -27.94 -2.84 34.53
C GLN B 218 -26.69 -2.96 33.66
N PHE B 219 -25.60 -3.41 34.29
CA PHE B 219 -24.36 -3.62 33.56
C PHE B 219 -24.32 -4.95 32.81
N ILE B 220 -25.17 -5.90 33.17
CA ILE B 220 -25.19 -7.22 32.57
C ILE B 220 -26.37 -7.40 31.62
N GLU B 221 -27.53 -6.85 31.99
CA GLU B 221 -28.71 -6.94 31.11
C GLU B 221 -28.41 -6.33 29.75
N VAL B 222 -27.89 -5.10 29.73
CA VAL B 222 -27.55 -4.44 28.47
C VAL B 222 -26.57 -5.30 27.69
N ALA B 223 -25.53 -5.81 28.37
CA ALA B 223 -24.50 -6.61 27.71
C ALA B 223 -25.12 -7.81 27.00
N ILE B 224 -25.85 -8.65 27.73
CA ILE B 224 -26.38 -9.86 27.13
C ILE B 224 -27.42 -9.55 26.07
N SER B 225 -28.20 -8.47 26.26
CA SER B 225 -29.20 -8.08 25.28
C SER B 225 -28.55 -7.72 23.95
N ARG B 226 -27.48 -6.93 24.02
CA ARG B 226 -26.87 -6.47 22.77
C ARG B 226 -26.04 -7.57 22.13
N PHE B 227 -25.27 -8.33 22.92
CA PHE B 227 -24.58 -9.48 22.35
C PHE B 227 -25.55 -10.41 21.60
N LEU B 228 -26.74 -10.62 22.17
CA LEU B 228 -27.70 -11.52 21.55
C LEU B 228 -28.51 -10.87 20.43
N LEU B 229 -28.45 -9.56 20.28
CA LEU B 229 -29.03 -8.94 19.09
C LEU B 229 -28.01 -8.77 17.97
N ILE B 230 -26.73 -8.67 18.33
CA ILE B 230 -25.65 -8.67 17.34
C ILE B 230 -25.47 -10.05 16.73
N ALA B 231 -25.62 -11.11 17.53
CA ALA B 231 -25.39 -12.46 17.01
C ALA B 231 -26.33 -12.77 15.85
N LEU B 232 -27.60 -12.36 15.95
CA LEU B 232 -28.55 -12.62 14.88
C LEU B 232 -28.15 -11.89 13.60
N GLY B 233 -27.71 -10.64 13.73
CA GLY B 233 -27.27 -9.90 12.56
C GLY B 233 -26.06 -10.54 11.91
N ALA B 234 -25.12 -11.03 12.71
CA ALA B 234 -23.94 -11.66 12.13
C ALA B 234 -24.27 -12.99 11.49
N GLY B 235 -25.25 -13.71 12.04
CA GLY B 235 -25.67 -14.95 11.41
C GLY B 235 -26.36 -14.72 10.08
N VAL B 236 -27.23 -13.71 10.02
CA VAL B 236 -27.89 -13.38 8.75
C VAL B 236 -26.90 -12.80 7.76
N SER B 237 -25.81 -12.18 8.23
CA SER B 237 -24.78 -11.71 7.32
C SER B 237 -23.93 -12.86 6.79
N LEU B 238 -23.74 -13.92 7.59
CA LEU B 238 -22.89 -15.01 7.15
C LEU B 238 -23.63 -15.99 6.25
N GLY B 239 -24.87 -16.34 6.59
CA GLY B 239 -25.59 -17.32 5.80
C GLY B 239 -25.79 -16.91 4.36
N VAL B 240 -26.17 -15.65 4.13
CA VAL B 240 -26.46 -15.19 2.78
C VAL B 240 -25.18 -15.12 1.96
N ASN B 241 -24.08 -14.71 2.59
CA ASN B 241 -22.81 -14.65 1.88
C ASN B 241 -22.32 -16.06 1.52
N MET B 242 -22.51 -17.03 2.40
CA MET B 242 -21.95 -18.35 2.17
C MET B 242 -22.82 -19.25 1.30
N PHE B 243 -24.13 -19.02 1.24
CA PHE B 243 -25.01 -19.96 0.55
C PHE B 243 -25.66 -19.45 -0.73
N ILE B 244 -25.34 -18.25 -1.19
CA ILE B 244 -25.94 -17.80 -2.46
C ILE B 244 -24.98 -17.98 -3.62
N TYR B 245 -23.94 -17.16 -3.68
CA TYR B 245 -22.89 -17.26 -4.70
C TYR B 245 -21.54 -16.97 -4.07
N PRO B 246 -20.91 -17.97 -3.46
CA PRO B 246 -19.66 -17.70 -2.74
C PRO B 246 -18.57 -17.23 -3.69
N ILE B 247 -17.83 -16.22 -3.25
CA ILE B 247 -16.64 -15.73 -3.95
C ILE B 247 -15.44 -16.14 -3.09
N TRP B 248 -14.78 -17.23 -3.47
CA TRP B 248 -13.69 -17.76 -2.69
C TRP B 248 -12.42 -16.94 -2.88
N ALA B 249 -11.55 -16.97 -1.88
CA ALA B 249 -10.31 -16.22 -1.88
C ALA B 249 -9.12 -17.04 -2.35
N GLY B 250 -9.24 -18.36 -2.41
CA GLY B 250 -8.17 -19.20 -2.92
C GLY B 250 -8.07 -19.29 -4.43
N GLU B 251 -9.06 -18.79 -5.16
CA GLU B 251 -8.99 -18.77 -6.60
C GLU B 251 -8.43 -17.46 -7.15
N ASP B 252 -8.43 -16.39 -6.34
CA ASP B 252 -7.85 -15.14 -6.78
C ASP B 252 -6.32 -15.20 -6.77
N LEU B 253 -5.75 -15.99 -5.85
CA LEU B 253 -4.31 -16.18 -5.87
C LEU B 253 -3.89 -17.00 -7.09
N HIS B 254 -4.70 -18.01 -7.43
CA HIS B 254 -4.41 -18.82 -8.62
C HIS B 254 -4.50 -17.97 -9.88
N ASN B 255 -5.50 -17.09 -9.95
CA ASN B 255 -5.66 -16.29 -11.16
C ASN B 255 -4.62 -15.17 -11.25
N LEU B 256 -4.17 -14.66 -10.10
CA LEU B 256 -3.13 -13.63 -10.14
C LEU B 256 -1.77 -14.25 -10.50
N VAL B 257 -1.49 -15.45 -9.99
CA VAL B 257 -0.28 -16.16 -10.37
C VAL B 257 -0.31 -16.47 -11.86
N VAL B 258 -1.48 -16.85 -12.40
CA VAL B 258 -1.57 -17.08 -13.83
C VAL B 258 -1.33 -15.79 -14.62
N LYS B 259 -1.90 -14.67 -14.15
CA LYS B 259 -1.81 -13.42 -14.89
C LYS B 259 -0.40 -12.84 -14.90
N ASN B 260 0.36 -13.02 -13.81
CA ASN B 260 1.70 -12.44 -13.75
C ASN B 260 2.59 -12.95 -14.87
N PHE B 261 2.49 -14.24 -15.19
CA PHE B 261 3.34 -14.82 -16.22
C PHE B 261 3.09 -14.18 -17.57
N MET B 262 1.83 -13.96 -17.91
CA MET B 262 1.49 -13.35 -19.18
C MET B 262 1.90 -11.89 -19.20
N ASN B 263 1.76 -11.19 -18.07
CA ASN B 263 2.20 -9.80 -18.02
C ASN B 263 3.70 -9.69 -18.27
N VAL B 264 4.49 -10.56 -17.65
CA VAL B 264 5.94 -10.51 -17.84
C VAL B 264 6.31 -10.89 -19.27
N ALA B 265 5.62 -11.89 -19.83
CA ALA B 265 5.92 -12.31 -21.20
C ALA B 265 5.63 -11.18 -22.18
N THR B 266 4.53 -10.45 -21.98
CA THR B 266 4.25 -9.30 -22.85
C THR B 266 5.28 -8.21 -22.66
N SER B 267 5.67 -7.94 -21.40
CA SER B 267 6.62 -6.87 -21.13
C SER B 267 7.95 -7.10 -21.82
N LEU B 268 8.45 -8.34 -21.77
CA LEU B 268 9.77 -8.61 -22.33
C LEU B 268 9.80 -8.31 -23.84
N GLU B 269 8.79 -8.80 -24.56
CA GLU B 269 8.75 -8.55 -26.00
C GLU B 269 8.52 -7.08 -26.29
N GLY B 270 7.69 -6.40 -25.49
CA GLY B 270 7.51 -4.98 -25.67
C GLY B 270 8.82 -4.22 -25.56
N CYS B 271 9.61 -4.55 -24.53
CA CYS B 271 10.89 -3.89 -24.33
C CYS B 271 11.84 -4.17 -25.49
N VAL B 272 11.91 -5.42 -25.95
CA VAL B 272 12.84 -5.75 -27.02
C VAL B 272 12.46 -5.03 -28.31
N ASN B 273 11.16 -5.01 -28.63
CA ASN B 273 10.73 -4.32 -29.84
C ASN B 273 10.93 -2.81 -29.73
N GLY B 274 10.71 -2.25 -28.55
CA GLY B 274 10.95 -0.83 -28.36
C GLY B 274 12.43 -0.46 -28.52
N TYR B 275 13.32 -1.35 -28.07
CA TYR B 275 14.74 -1.07 -28.23
C TYR B 275 15.21 -1.28 -29.66
N LEU B 276 14.56 -2.17 -30.42
CA LEU B 276 14.99 -2.45 -31.77
C LEU B 276 14.23 -1.65 -32.84
N ARG B 277 13.24 -0.86 -32.44
CA ARG B 277 12.51 -0.06 -33.41
C ARG B 277 13.40 1.05 -33.96
N CYS B 278 13.03 1.56 -35.14
CA CYS B 278 13.78 2.62 -35.79
C CYS B 278 13.41 3.98 -35.23
N VAL B 298 4.09 -2.53 -21.13
CA VAL B 298 5.44 -2.71 -20.60
C VAL B 298 5.50 -2.24 -19.15
N TYR B 299 5.22 -0.96 -18.94
CA TYR B 299 5.30 -0.37 -17.61
C TYR B 299 4.52 -1.21 -16.60
N LYS B 300 3.20 -1.30 -16.81
CA LYS B 300 2.35 -2.07 -15.91
C LYS B 300 2.75 -3.53 -15.90
N GLY B 301 3.20 -4.05 -17.03
CA GLY B 301 3.52 -5.46 -17.12
C GLY B 301 4.49 -5.90 -16.05
N TYR B 302 5.54 -5.11 -15.82
CA TYR B 302 6.50 -5.46 -14.77
C TYR B 302 6.14 -4.84 -13.42
N ARG B 303 5.40 -3.72 -13.37
CA ARG B 303 5.01 -3.23 -12.06
C ARG B 303 4.10 -4.22 -11.35
N SER B 304 3.14 -4.80 -12.07
CA SER B 304 2.20 -5.72 -11.43
C SER B 304 2.90 -6.92 -10.85
N ALA B 305 3.91 -7.44 -11.56
CA ALA B 305 4.66 -8.58 -11.05
C ALA B 305 5.56 -8.18 -9.89
N VAL B 306 6.15 -6.98 -9.95
CA VAL B 306 7.05 -6.53 -8.89
C VAL B 306 6.33 -5.84 -7.73
N GLU B 307 5.07 -5.48 -7.90
CA GLU B 307 4.32 -4.73 -6.89
C GLU B 307 3.01 -5.43 -6.54
N SER B 308 3.09 -6.72 -6.21
CA SER B 308 1.89 -7.46 -5.83
C SER B 308 2.12 -8.44 -4.68
N THR B 309 3.28 -8.40 -4.02
CA THR B 309 3.54 -9.34 -2.93
C THR B 309 2.54 -9.16 -1.79
N SER B 310 2.19 -7.92 -1.46
CA SER B 310 1.25 -7.69 -0.36
C SER B 310 -0.12 -8.27 -0.67
N GLN B 311 -0.57 -8.13 -1.93
CA GLN B 311 -1.88 -8.68 -2.30
C GLN B 311 -1.87 -10.20 -2.19
N GLU B 312 -0.76 -10.84 -2.57
CA GLU B 312 -0.71 -12.30 -2.49
C GLU B 312 -0.58 -12.76 -1.05
N GLU B 313 0.02 -11.94 -0.18
CA GLU B 313 0.10 -12.32 1.23
C GLU B 313 -1.25 -12.15 1.93
N SER B 314 -2.02 -11.13 1.54
CA SER B 314 -3.36 -11.00 2.08
C SER B 314 -4.27 -12.11 1.58
N LEU B 315 -4.19 -12.42 0.29
CA LEU B 315 -4.99 -13.52 -0.25
C LEU B 315 -4.61 -14.86 0.35
N MET B 316 -3.34 -15.04 0.72
CA MET B 316 -2.93 -16.27 1.40
C MET B 316 -3.34 -16.27 2.87
N SER B 317 -3.48 -15.09 3.47
CA SER B 317 -4.00 -15.03 4.84
C SER B 317 -5.50 -15.31 4.89
N PHE B 318 -6.22 -14.94 3.84
CA PHE B 318 -7.65 -15.22 3.78
C PHE B 318 -7.96 -16.63 3.29
N ALA B 319 -7.05 -17.26 2.55
CA ALA B 319 -7.36 -18.53 1.91
C ALA B 319 -7.19 -19.72 2.86
N ILE B 320 -6.49 -19.54 3.99
CA ILE B 320 -6.32 -20.63 4.95
C ILE B 320 -7.51 -20.80 5.86
N TRP B 321 -8.54 -19.96 5.73
CA TRP B 321 -9.73 -20.03 6.56
C TRP B 321 -10.88 -20.77 5.91
N GLU B 322 -10.84 -20.94 4.58
CA GLU B 322 -11.94 -21.48 3.80
C GLU B 322 -11.93 -23.02 3.83
N PRO B 323 -13.10 -23.64 3.81
CA PRO B 323 -13.17 -25.11 3.82
C PRO B 323 -12.83 -25.67 2.45
N PRO B 324 -12.56 -26.98 2.37
CA PRO B 324 -12.27 -27.59 1.07
C PRO B 324 -13.44 -27.45 0.11
N HIS B 325 -13.13 -27.17 -1.15
CA HIS B 325 -14.17 -27.00 -2.16
C HIS B 325 -13.56 -27.21 -3.55
N GLY B 326 -14.39 -27.64 -4.48
CA GLY B 326 -14.02 -27.74 -5.87
C GLY B 326 -12.76 -28.55 -6.12
N PRO B 327 -11.85 -27.99 -6.93
CA PRO B 327 -10.62 -28.73 -7.26
C PRO B 327 -9.67 -28.89 -6.07
N TYR B 328 -9.82 -28.09 -5.03
CA TYR B 328 -8.91 -28.12 -3.88
C TYR B 328 -9.60 -28.91 -2.76
N LYS B 329 -9.21 -30.18 -2.63
CA LYS B 329 -9.89 -31.09 -1.71
C LYS B 329 -9.06 -31.47 -0.49
N SER B 330 -7.74 -31.33 -0.54
CA SER B 330 -6.92 -31.64 0.61
C SER B 330 -7.24 -30.71 1.76
N PHE B 331 -6.93 -31.17 2.99
CA PHE B 331 -7.23 -30.42 4.18
C PHE B 331 -6.16 -29.39 4.54
N ASN B 332 -4.98 -29.46 3.91
CA ASN B 332 -3.94 -28.44 4.06
C ASN B 332 -3.36 -28.19 2.67
N TYR B 333 -3.98 -27.29 1.92
CA TYR B 333 -3.51 -26.99 0.58
C TYR B 333 -2.23 -26.16 0.65
N PRO B 334 -1.19 -26.53 -0.11
CA PRO B 334 0.06 -25.76 -0.07
C PRO B 334 -0.06 -24.39 -0.73
N TRP B 335 -0.79 -23.47 -0.09
CA TRP B 335 -0.96 -22.13 -0.63
C TRP B 335 0.33 -21.32 -0.66
N LYS B 336 1.39 -21.75 0.04
CA LYS B 336 2.62 -20.99 0.09
C LYS B 336 3.53 -21.23 -1.12
N ASN B 337 3.36 -22.35 -1.82
CA ASN B 337 4.17 -22.59 -3.01
C ASN B 337 3.80 -21.64 -4.14
N TYR B 338 2.56 -21.13 -4.15
CA TYR B 338 2.19 -20.10 -5.11
C TYR B 338 2.96 -18.82 -4.85
N VAL B 339 3.12 -18.45 -3.58
CA VAL B 339 3.89 -17.26 -3.23
C VAL B 339 5.36 -17.47 -3.55
N LYS B 340 5.88 -18.68 -3.33
CA LYS B 340 7.27 -18.95 -3.66
C LYS B 340 7.51 -18.82 -5.16
N LEU B 341 6.59 -19.35 -5.97
CA LEU B 341 6.73 -19.21 -7.41
C LEU B 341 6.60 -17.75 -7.84
N SER B 342 5.71 -17.00 -7.20
CA SER B 342 5.58 -15.57 -7.52
C SER B 342 6.86 -14.82 -7.23
N GLY B 343 7.52 -15.12 -6.11
CA GLY B 343 8.79 -14.49 -5.81
C GLY B 343 9.87 -14.88 -6.79
N ALA B 344 9.91 -16.16 -7.18
CA ALA B 344 10.86 -16.60 -8.19
C ALA B 344 10.66 -15.85 -9.49
N LEU B 345 9.40 -15.55 -9.84
CA LEU B 345 9.13 -14.79 -11.06
C LEU B 345 9.47 -13.32 -10.92
N LYS B 346 9.28 -12.74 -9.74
CA LYS B 346 9.62 -11.34 -9.54
C LYS B 346 11.13 -11.12 -9.61
N HIS B 347 11.91 -12.10 -9.13
CA HIS B 347 13.36 -11.97 -9.24
C HIS B 347 13.80 -11.93 -10.69
N CYS B 348 13.09 -12.64 -11.58
CA CYS B 348 13.38 -12.57 -13.00
C CYS B 348 12.83 -11.29 -13.63
N ALA B 349 11.71 -10.77 -13.13
CA ALA B 349 11.14 -9.56 -13.69
C ALA B 349 11.96 -8.31 -13.34
N PHE B 350 12.80 -8.40 -12.31
CA PHE B 350 13.66 -7.24 -12.02
C PHE B 350 14.61 -6.95 -13.17
N THR B 351 15.00 -7.98 -13.93
CA THR B 351 15.89 -7.74 -15.08
C THR B 351 15.14 -7.07 -16.23
N VAL B 352 13.87 -7.41 -16.42
CA VAL B 352 13.07 -6.70 -17.42
C VAL B 352 12.88 -5.25 -17.01
N MET B 353 12.72 -5.00 -15.71
CA MET B 353 12.66 -3.61 -15.24
C MET B 353 13.96 -2.88 -15.55
N ALA B 354 15.09 -3.55 -15.33
CA ALA B 354 16.37 -2.91 -15.63
C ALA B 354 16.56 -2.66 -17.13
N LEU B 355 16.05 -3.55 -17.97
CA LEU B 355 16.15 -3.32 -19.41
C LEU B 355 15.26 -2.16 -19.85
N HIS B 356 14.06 -2.06 -19.28
CA HIS B 356 13.21 -0.92 -19.60
C HIS B 356 13.86 0.38 -19.15
N GLY B 357 14.50 0.37 -17.97
CA GLY B 357 15.24 1.54 -17.55
C GLY B 357 16.43 1.84 -18.44
N CYS B 358 17.00 0.80 -19.06
CA CYS B 358 18.07 0.99 -20.03
C CYS B 358 17.56 1.64 -21.30
N ILE B 359 16.29 1.40 -21.65
CA ILE B 359 15.74 2.06 -22.84
C ILE B 359 15.60 3.56 -22.63
N LEU B 360 15.37 4.00 -21.38
CA LEU B 360 15.06 5.40 -21.09
C LEU B 360 16.29 6.17 -20.57
N SER B 361 17.48 5.85 -21.07
CA SER B 361 18.70 6.43 -20.54
C SER B 361 19.09 7.69 -21.32
N GLU B 362 19.93 8.51 -20.67
CA GLU B 362 20.41 9.74 -21.31
C GLU B 362 21.38 9.44 -22.43
N ILE B 363 22.30 8.50 -22.23
CA ILE B 363 23.30 8.13 -23.22
C ILE B 363 22.80 6.93 -24.00
N GLN B 364 22.77 7.05 -25.32
CA GLN B 364 22.28 6.00 -26.20
C GLN B 364 23.33 5.71 -27.27
N ALA B 365 23.06 4.66 -28.06
CA ALA B 365 23.98 4.22 -29.10
C ALA B 365 23.40 4.49 -30.48
N PRO B 366 24.25 4.63 -31.50
CA PRO B 366 23.74 4.80 -32.86
C PRO B 366 22.95 3.59 -33.32
N GLU B 367 21.85 3.86 -34.03
CA GLU B 367 20.98 2.77 -34.49
C GLU B 367 21.71 1.83 -35.43
N GLU B 368 22.59 2.38 -36.28
CA GLU B 368 23.31 1.54 -37.23
C GLU B 368 24.10 0.44 -36.51
N ARG B 369 24.66 0.76 -35.34
CA ARG B 369 25.38 -0.24 -34.58
C ARG B 369 24.44 -1.28 -33.98
N ARG B 370 23.26 -0.84 -33.52
CA ARG B 370 22.31 -1.78 -32.93
C ARG B 370 21.73 -2.73 -33.96
N GLN B 371 21.65 -2.30 -35.23
CA GLN B 371 21.04 -3.14 -36.25
C GLN B 371 21.95 -4.28 -36.71
N VAL B 372 23.10 -4.47 -36.08
CA VAL B 372 23.96 -5.61 -36.40
C VAL B 372 23.63 -6.86 -35.57
N PHE B 373 22.87 -6.71 -34.48
CA PHE B 373 22.58 -7.82 -33.58
C PHE B 373 21.09 -8.11 -33.47
N ARG B 374 20.30 -7.66 -34.45
CA ARG B 374 18.84 -7.75 -34.35
C ARG B 374 18.36 -9.19 -34.21
N GLN B 375 18.89 -10.09 -35.04
CA GLN B 375 18.35 -11.44 -35.14
C GLN B 375 18.46 -12.18 -33.80
N GLU B 376 19.64 -12.13 -33.18
CA GLU B 376 19.85 -12.88 -31.94
C GLU B 376 18.94 -12.36 -30.83
N LEU B 377 18.82 -11.03 -30.71
CA LEU B 377 17.99 -10.46 -29.67
C LEU B 377 16.52 -10.82 -29.88
N GLN B 378 16.06 -10.79 -31.13
CA GLN B 378 14.68 -11.14 -31.41
C GLN B 378 14.41 -12.62 -31.11
N ARG B 379 15.38 -13.48 -31.45
CA ARG B 379 15.21 -14.90 -31.15
C ARG B 379 15.15 -15.14 -29.64
N VAL B 380 16.02 -14.47 -28.88
CA VAL B 380 16.01 -14.66 -27.43
C VAL B 380 14.70 -14.17 -26.84
N GLY B 381 14.19 -13.03 -27.32
CA GLY B 381 12.93 -12.52 -26.82
C GLY B 381 11.77 -13.45 -27.12
N VAL B 382 11.71 -13.95 -28.35
CA VAL B 382 10.62 -14.85 -28.72
C VAL B 382 10.69 -16.12 -27.88
N GLU B 383 11.90 -16.68 -27.70
CA GLU B 383 12.02 -17.92 -26.95
C GLU B 383 11.62 -17.72 -25.48
N GLY B 384 12.03 -16.61 -24.89
CA GLY B 384 11.66 -16.36 -23.50
C GLY B 384 10.17 -16.15 -23.33
N ALA B 385 9.55 -15.42 -24.26
CA ALA B 385 8.11 -15.23 -24.19
C ALA B 385 7.37 -16.55 -24.34
N LYS B 386 7.82 -17.40 -25.27
CA LYS B 386 7.19 -18.71 -25.42
C LYS B 386 7.32 -19.53 -24.15
N LEU B 387 8.50 -19.53 -23.52
CA LEU B 387 8.68 -20.30 -22.31
C LEU B 387 7.77 -19.80 -21.20
N LEU B 388 7.68 -18.48 -21.02
CA LEU B 388 6.84 -17.94 -19.97
C LEU B 388 5.37 -18.24 -20.22
N ARG B 389 4.94 -18.18 -21.48
CA ARG B 389 3.54 -18.47 -21.78
C ARG B 389 3.24 -19.95 -21.59
N GLU B 390 4.19 -20.84 -21.90
CA GLU B 390 3.97 -22.25 -21.67
C GLU B 390 3.89 -22.57 -20.18
N LEU B 391 4.73 -21.91 -19.38
CA LEU B 391 4.65 -22.13 -17.93
C LEU B 391 3.33 -21.61 -17.37
N GLY B 392 2.86 -20.47 -17.86
CA GLY B 392 1.57 -19.97 -17.41
C GLY B 392 0.42 -20.89 -17.81
N GLU B 393 0.47 -21.41 -19.03
CA GLU B 393 -0.57 -22.33 -19.49
C GLU B 393 -0.57 -23.62 -18.67
N LYS B 394 0.62 -24.12 -18.32
CA LYS B 394 0.67 -25.33 -17.52
C LYS B 394 0.26 -25.07 -16.07
N VAL B 395 0.43 -23.83 -15.60
CA VAL B 395 -0.06 -23.51 -14.26
C VAL B 395 -1.57 -23.34 -14.24
N LYS B 396 -2.15 -22.86 -15.36
CA LYS B 396 -3.59 -22.64 -15.39
C LYS B 396 -4.37 -23.96 -15.38
N LYS B 397 -3.86 -24.99 -16.07
CA LYS B 397 -4.58 -26.24 -16.22
C LYS B 397 -4.20 -27.28 -15.16
N MET B 398 -3.31 -26.95 -14.23
CA MET B 398 -2.90 -27.88 -13.18
C MET B 398 -2.38 -29.19 -13.76
N GLU B 399 -1.28 -29.07 -14.50
CA GLU B 399 -0.65 -30.20 -15.18
C GLU B 399 0.83 -30.23 -14.85
N LYS B 400 1.42 -31.42 -14.96
CA LYS B 400 2.84 -31.61 -14.72
C LYS B 400 3.65 -31.31 -15.98
N LEU B 401 4.94 -31.14 -15.79
CA LEU B 401 5.85 -30.94 -16.92
C LEU B 401 6.10 -32.24 -17.65
N GLY B 402 6.27 -32.14 -18.97
CA GLY B 402 6.52 -33.30 -19.79
C GLY B 402 7.94 -33.79 -19.67
N PRO B 403 8.33 -34.73 -20.54
CA PRO B 403 9.69 -35.28 -20.47
C PRO B 403 10.73 -34.35 -21.11
N VAL B 404 10.33 -33.62 -22.14
CA VAL B 404 11.29 -32.80 -22.88
C VAL B 404 11.74 -31.62 -22.03
N ASP B 405 12.95 -31.12 -22.33
CA ASP B 405 13.51 -29.97 -21.63
C ASP B 405 13.03 -28.69 -22.31
N LEU B 406 12.57 -27.74 -21.50
CA LEU B 406 12.02 -26.49 -22.01
C LEU B 406 13.06 -25.40 -22.22
N LEU B 407 14.25 -25.53 -21.62
CA LEU B 407 15.25 -24.48 -21.66
C LEU B 407 16.32 -24.73 -22.73
N PHE B 408 16.15 -25.74 -23.57
CA PHE B 408 17.15 -26.05 -24.59
C PHE B 408 17.28 -24.92 -25.61
N GLU B 409 16.14 -24.47 -26.16
CA GLU B 409 16.18 -23.53 -27.26
C GLU B 409 16.65 -22.15 -26.81
N VAL B 410 16.20 -21.70 -25.64
CA VAL B 410 16.63 -20.40 -25.15
C VAL B 410 18.12 -20.42 -24.82
N HIS B 411 18.62 -21.53 -24.28
CA HIS B 411 20.04 -21.65 -24.02
C HIS B 411 20.84 -21.60 -25.32
N LEU B 412 20.36 -22.29 -26.35
CA LEU B 412 21.07 -22.26 -27.63
C LEU B 412 21.05 -20.86 -28.24
N ALA B 413 19.92 -20.16 -28.11
CA ALA B 413 19.84 -18.81 -28.63
C ALA B 413 20.79 -17.88 -27.90
N ALA B 414 20.91 -18.03 -26.58
CA ALA B 414 21.83 -17.18 -25.83
C ALA B 414 23.28 -17.51 -26.15
N GLU B 415 23.56 -18.78 -26.48
CA GLU B 415 24.92 -19.13 -26.87
C GLU B 415 25.26 -18.55 -28.24
N GLU B 416 24.31 -18.56 -29.17
CA GLU B 416 24.54 -17.92 -30.46
C GLU B 416 24.72 -16.41 -30.30
N LEU B 417 23.94 -15.80 -29.40
CA LEU B 417 24.13 -14.37 -29.12
C LEU B 417 25.52 -14.10 -28.58
N GLN B 418 25.99 -14.92 -27.63
CA GLN B 418 27.33 -14.73 -27.10
C GLN B 418 28.38 -14.88 -28.19
N HIS B 419 28.22 -15.88 -29.07
CA HIS B 419 29.18 -16.06 -30.17
C HIS B 419 29.21 -14.84 -31.08
N LYS B 420 28.03 -14.33 -31.43
CA LYS B 420 27.98 -13.16 -32.31
C LYS B 420 28.62 -11.94 -31.64
N ILE B 421 28.35 -11.74 -30.36
CA ILE B 421 28.97 -10.62 -29.65
C ILE B 421 30.48 -10.77 -29.63
N ASP B 422 30.97 -12.01 -29.44
CA ASP B 422 32.40 -12.24 -29.43
C ASP B 422 33.03 -12.00 -30.79
N LYS B 423 32.28 -12.24 -31.87
CA LYS B 423 32.84 -12.09 -33.21
C LYS B 423 32.95 -10.65 -33.67
N LYS B 424 32.14 -9.74 -33.11
CA LYS B 424 32.09 -8.35 -33.55
C LYS B 424 32.34 -7.39 -32.41
N SER B 425 33.25 -7.75 -31.50
CA SER B 425 33.50 -6.95 -30.31
C SER B 425 34.24 -5.65 -30.61
N TYR B 426 34.74 -5.47 -31.83
CA TYR B 426 35.50 -4.25 -32.15
C TYR B 426 34.61 -3.03 -32.29
N LEU B 427 33.29 -3.19 -32.27
CA LEU B 427 32.36 -2.07 -32.37
C LEU B 427 31.94 -1.53 -31.00
N LEU B 428 32.53 -2.04 -29.93
CA LEU B 428 32.17 -1.61 -28.57
C LEU B 428 33.27 -0.85 -27.86
N VAL B 429 34.54 -1.17 -28.11
CA VAL B 429 35.65 -0.53 -27.44
C VAL B 429 36.52 0.19 -28.47
N ASN B 430 37.32 1.11 -27.97
CA ASN B 430 38.25 1.88 -28.81
C ASN B 430 39.60 1.17 -28.84
N SER B 431 39.93 0.56 -29.98
CA SER B 431 41.17 -0.19 -30.09
C SER B 431 42.35 0.68 -30.45
N GLU B 432 42.12 1.90 -30.94
CA GLU B 432 43.24 2.76 -31.34
C GLU B 432 44.17 3.04 -30.17
N CYS B 433 43.61 3.37 -29.00
CA CYS B 433 44.40 3.66 -27.81
C CYS B 433 44.35 2.47 -26.88
N TRP B 434 45.52 1.89 -26.59
CA TRP B 434 45.63 0.74 -25.70
C TRP B 434 46.98 0.78 -25.01
N GLU B 435 46.97 0.93 -23.69
CA GLU B 435 48.21 0.96 -22.92
C GLU B 435 48.23 -0.20 -21.91
N LYS B 527 36.02 11.19 -27.05
CA LYS B 527 34.93 11.79 -26.29
C LYS B 527 34.28 10.76 -25.38
N THR B 528 33.96 11.17 -24.15
CA THR B 528 33.33 10.26 -23.20
C THR B 528 31.98 9.79 -23.70
N TYR B 529 31.23 10.67 -24.36
CA TYR B 529 29.89 10.31 -24.83
C TYR B 529 29.95 9.17 -25.84
N GLU B 530 30.95 9.20 -26.73
CA GLU B 530 31.09 8.13 -27.71
C GLU B 530 31.36 6.80 -27.04
N SER B 531 32.22 6.80 -26.00
CA SER B 531 32.52 5.56 -25.30
C SER B 531 31.30 5.04 -24.54
N ALA B 532 30.53 5.92 -23.92
CA ALA B 532 29.32 5.47 -23.24
C ALA B 532 28.31 4.90 -24.22
N SER B 533 28.18 5.54 -25.38
CA SER B 533 27.29 5.02 -26.43
C SER B 533 27.75 3.64 -26.89
N ALA B 534 29.06 3.46 -27.02
CA ALA B 534 29.59 2.15 -27.41
C ALA B 534 29.29 1.09 -26.35
N LEU B 535 29.42 1.45 -25.07
CA LEU B 535 29.27 0.48 -23.99
C LEU B 535 27.81 0.20 -23.63
N SER B 536 26.87 1.05 -24.07
CA SER B 536 25.47 0.78 -23.74
C SER B 536 24.97 -0.48 -24.42
N LEU B 537 25.55 -0.86 -25.56
CA LEU B 537 25.12 -2.08 -26.23
C LEU B 537 25.59 -3.32 -25.50
N ALA B 538 26.82 -3.28 -24.97
CA ALA B 538 27.29 -4.38 -24.14
C ALA B 538 26.49 -4.47 -22.85
N THR B 539 26.07 -3.33 -22.32
CA THR B 539 25.20 -3.34 -21.14
C THR B 539 23.89 -4.03 -21.44
N PHE B 540 23.26 -3.67 -22.57
CA PHE B 540 21.99 -4.29 -22.96
C PHE B 540 22.15 -5.80 -23.15
N ALA B 541 23.22 -6.21 -23.82
CA ALA B 541 23.43 -7.63 -24.07
C ALA B 541 23.66 -8.39 -22.76
N SER B 542 24.47 -7.83 -21.85
CA SER B 542 24.70 -8.47 -20.57
C SER B 542 23.40 -8.62 -19.80
N LEU B 543 22.54 -7.60 -19.84
CA LEU B 543 21.27 -7.70 -19.11
C LEU B 543 20.37 -8.77 -19.72
N LEU B 544 20.35 -8.88 -21.05
CA LEU B 544 19.56 -9.94 -21.68
C LEU B 544 20.10 -11.31 -21.29
N ILE B 545 21.43 -11.45 -21.21
CA ILE B 545 22.01 -12.74 -20.85
C ILE B 545 21.67 -13.09 -19.40
N GLU B 546 21.68 -12.11 -18.51
CA GLU B 546 21.29 -12.38 -17.12
C GLU B 546 19.82 -12.79 -17.04
N PHE B 547 18.96 -12.14 -17.82
CA PHE B 547 17.56 -12.55 -17.86
C PHE B 547 17.43 -13.99 -18.31
N VAL B 548 18.17 -14.37 -19.36
CA VAL B 548 18.08 -15.74 -19.83
C VAL B 548 18.66 -16.72 -18.81
N ALA B 549 19.59 -16.26 -17.98
CA ALA B 549 20.21 -17.12 -16.98
C ALA B 549 19.39 -17.26 -15.69
N ARG B 550 18.40 -16.41 -15.47
CA ARG B 550 17.62 -16.47 -14.22
C ARG B 550 16.37 -17.36 -14.29
N LEU B 551 16.17 -18.14 -15.36
CA LEU B 551 14.92 -18.89 -15.51
C LEU B 551 14.93 -20.25 -14.78
N GLN B 552 16.09 -20.82 -14.51
CA GLN B 552 16.14 -22.15 -13.91
C GLN B 552 15.51 -22.16 -12.51
N ASN B 553 15.64 -21.07 -11.76
CA ASN B 553 15.03 -21.02 -10.44
C ASN B 553 13.50 -21.06 -10.54
N VAL B 554 12.94 -20.35 -11.52
CA VAL B 554 11.49 -20.40 -11.73
C VAL B 554 11.06 -21.81 -12.12
N VAL B 555 11.85 -22.46 -12.97
CA VAL B 555 11.48 -23.82 -13.39
C VAL B 555 11.52 -24.77 -12.19
N ASP B 556 12.51 -24.62 -11.31
CA ASP B 556 12.59 -25.48 -10.14
C ASP B 556 11.43 -25.22 -9.18
N ALA B 557 11.09 -23.95 -8.98
CA ALA B 557 9.95 -23.63 -8.11
C ALA B 557 8.66 -24.21 -8.68
N PHE B 558 8.49 -24.15 -10.00
CA PHE B 558 7.30 -24.74 -10.60
C PHE B 558 7.28 -26.25 -10.39
N LYS B 559 8.43 -26.91 -10.53
CA LYS B 559 8.48 -28.34 -10.30
C LYS B 559 8.09 -28.68 -8.86
N GLU B 560 8.60 -27.91 -7.91
CA GLU B 560 8.27 -28.17 -6.50
C GLU B 560 6.78 -27.97 -6.24
N LEU B 561 6.19 -26.91 -6.81
CA LEU B 561 4.76 -26.68 -6.63
C LEU B 561 3.94 -27.80 -7.27
N SER B 562 4.31 -28.22 -8.48
CA SER B 562 3.59 -29.29 -9.14
C SER B 562 3.77 -30.62 -8.44
N GLN B 563 4.79 -30.76 -7.61
CA GLN B 563 4.99 -32.02 -6.88
C GLN B 563 4.25 -32.03 -5.55
N LYS B 564 4.27 -30.92 -4.81
CA LYS B 564 3.56 -30.87 -3.54
C LYS B 564 2.05 -30.69 -3.69
N ALA B 565 1.58 -30.20 -4.83
CA ALA B 565 0.16 -29.90 -5.03
C ALA B 565 -0.56 -31.00 -5.80
N ASN B 566 0.10 -32.10 -6.11
CA ASN B 566 -0.52 -33.26 -6.76
C ASN B 566 -1.21 -32.86 -8.06
N PHE B 567 -0.41 -32.36 -8.99
CA PHE B 567 -0.89 -32.09 -10.34
C PHE B 567 -0.99 -33.39 -11.13
N LYS B 568 -1.81 -33.37 -12.18
CA LYS B 568 -2.07 -34.56 -12.97
C LYS B 568 -1.06 -34.69 -14.11
N GLU B 569 -0.94 -35.90 -14.62
CA GLU B 569 0.00 -36.17 -15.69
C GLU B 569 -0.42 -35.49 -16.98
N PRO B 570 0.51 -34.85 -17.70
CA PRO B 570 0.12 -34.14 -18.93
C PRO B 570 -0.61 -35.01 -19.93
N GLU B 571 -0.10 -36.21 -20.19
CA GLU B 571 -0.67 -37.18 -21.13
C GLU B 571 -2.10 -36.86 -21.58
#